data_5IZM
#
_entry.id   5IZM
#
_cell.length_a   92.316
_cell.length_b   112.398
_cell.length_c   327.669
_cell.angle_alpha   90.00
_cell.angle_beta   90.00
_cell.angle_gamma   90.00
#
_symmetry.space_group_name_H-M   'C 2 2 21'
#
loop_
_entity.id
_entity.type
_entity.pdbx_description
1 polymer 'Selenocysteine-specific elongation factor'
2 non-polymer 'MANGANESE (II) ION'
3 non-polymer 'PHOSPHOAMINOPHOSPHONIC ACID-GUANYLATE ESTER'
#
_entity_poly.entity_id   1
_entity_poly.type   'polypeptide(L)'
_entity_poly.pdbx_seq_one_letter_code
;(MSE)GSSHHHHHHSSGLVPRGSH(MSE)AGRRVNVNVGVLGHIDSGKTALARALSTTASTAAFDKQPQSRERGITLDLG
FSCFSVPLPARLRSSLPEFQAAPEAEPEPGEPLLQVTLVDCPGHASLIRTIIGGAQIIDL(MSE)(MSE)LVIDVTKG
(MSE)QTQSAECLVIGQIACQKLVVVLNKIDLLPEGKRQAAIDK(MSE)TKK(MSE)QKTLENTKFRGAPIIPVAAKPGG
PEAPETEAPQGIPELIELLTSQISIPTRDPSGPFL(MSE)SVDHCFSIKGQGTV(MSE)TGTILSGSISLGDSVEIPALK
VVKKVKS(MSE)Q(MSE)FH(MSE)PITSA(MSE)QGDRLGICVTQFDPKLLERGLVCAPESLHTVHAALISVEKIPYFR
GPLQTKAKFHITVGHETV(MSE)GRL(MSE)FFSPAPDNFDQEPILDSFNFSQEYLFQEQYLSKDLTPAVTDNDEADKKA
GQATEGHCPRQQWALVEFEKPVTCPRLCLVIGSRLDADIHTNTCRLAFHGILLHGLEDRNYADSFLPRLKVYKLKHKHGL
VERA(MSE)DDYSVIGRSLFKKETNIQLFVGLKVHLSTGELGIIDSAFGQSGKFKIHIPGGLSPESKKILTPALKKRARA
GRGEATRQEESAERSEPSQHVVLSLTFKRYVFDTHKR(MSE)VQSP
;
_entity_poly.pdbx_strand_id   A,B
#
loop_
_chem_comp.id
_chem_comp.type
_chem_comp.name
_chem_comp.formula
GNP non-polymer 'PHOSPHOAMINOPHOSPHONIC ACID-GUANYLATE ESTER' 'C10 H17 N6 O13 P3'
MN non-polymer 'MANGANESE (II) ION' 'Mn 2'
#
# COMPACT_ATOMS: atom_id res chain seq x y z
N GLY A 23 -36.74 25.68 20.40
CA GLY A 23 -36.39 25.33 21.77
C GLY A 23 -34.95 24.92 21.94
N ARG A 24 -34.52 24.74 23.19
CA ARG A 24 -33.15 24.34 23.49
C ARG A 24 -32.79 23.03 22.80
N ARG A 25 -31.49 22.82 22.57
CA ARG A 25 -31.03 21.64 21.84
C ARG A 25 -29.73 21.06 22.38
N VAL A 26 -29.44 19.85 21.93
CA VAL A 26 -28.15 19.19 22.15
C VAL A 26 -27.66 18.61 20.85
N ASN A 27 -26.42 18.87 20.53
CA ASN A 27 -25.81 18.26 19.39
C ASN A 27 -25.05 17.04 19.81
N VAL A 28 -25.15 15.96 19.04
CA VAL A 28 -24.33 14.78 19.27
C VAL A 28 -23.86 14.25 17.92
N ASN A 29 -22.58 13.89 17.80
CA ASN A 29 -22.05 13.49 16.51
C ASN A 29 -22.10 11.99 16.24
N VAL A 30 -23.10 11.55 15.47
CA VAL A 30 -23.11 10.18 14.97
C VAL A 30 -22.26 10.12 13.72
N GLY A 31 -21.37 9.14 13.63
CA GLY A 31 -20.52 9.01 12.47
C GLY A 31 -20.95 7.89 11.55
N VAL A 32 -20.78 8.09 10.25
CA VAL A 32 -21.10 7.07 9.28
C VAL A 32 -19.83 6.53 8.62
N LEU A 33 -19.40 5.34 8.96
CA LEU A 33 -18.17 4.79 8.45
C LEU A 33 -18.44 3.50 7.78
N GLY A 34 -17.64 3.09 6.82
CA GLY A 34 -17.87 1.84 6.15
C GLY A 34 -16.90 1.73 5.02
N HIS A 35 -17.10 0.79 4.10
CA HIS A 35 -16.22 0.60 2.97
C HIS A 35 -16.63 1.57 1.94
N ILE A 36 -16.15 1.42 0.69
CA ILE A 36 -16.49 2.31 -0.42
C ILE A 36 -17.74 1.79 -1.10
N ASP A 37 -18.71 2.69 -1.32
CA ASP A 37 -20.00 2.37 -1.96
C ASP A 37 -20.81 1.40 -1.10
N SER A 38 -20.83 1.64 0.21
CA SER A 38 -21.67 0.86 1.11
C SER A 38 -22.98 1.57 1.44
N GLY A 39 -23.11 2.86 1.12
CA GLY A 39 -24.33 3.61 1.36
C GLY A 39 -24.17 4.85 2.21
N LYS A 40 -23.01 5.05 2.84
CA LYS A 40 -22.75 6.15 3.77
C LYS A 40 -23.38 7.47 3.34
N THR A 41 -22.83 8.09 2.31
CA THR A 41 -23.42 9.30 1.76
C THR A 41 -24.87 9.06 1.36
N ALA A 42 -25.17 7.89 0.82
CA ALA A 42 -26.53 7.57 0.39
C ALA A 42 -27.44 7.33 1.58
N LEU A 43 -26.85 6.98 2.72
CA LEU A 43 -27.60 6.70 3.93
C LEU A 43 -27.72 7.96 4.79
N ALA A 44 -26.78 8.89 4.61
CA ALA A 44 -26.78 10.13 5.37
C ALA A 44 -27.84 11.07 4.82
N ARG A 45 -28.14 10.91 3.53
CA ARG A 45 -29.21 11.67 2.90
C ARG A 45 -30.55 11.12 3.35
N ALA A 46 -30.71 9.80 3.23
CA ALA A 46 -31.94 9.10 3.62
C ALA A 46 -32.33 9.44 5.06
N LEU A 47 -31.34 9.59 5.92
CA LEU A 47 -31.58 9.99 7.29
C LEU A 47 -32.04 11.44 7.35
N SER A 48 -31.23 12.33 6.81
CA SER A 48 -31.49 13.77 6.89
C SER A 48 -32.82 14.19 6.25
N THR A 49 -33.35 13.37 5.35
CA THR A 49 -34.62 13.67 4.69
C THR A 49 -35.90 13.15 5.36
N THR A 50 -35.99 11.84 5.58
CA THR A 50 -37.11 11.28 6.32
C THR A 50 -36.69 11.46 7.77
N ALA A 51 -36.84 12.69 8.24
CA ALA A 51 -36.23 13.10 9.50
C ALA A 51 -37.21 13.83 10.40
N ILE A 67 -16.12 9.62 -5.04
CA ILE A 67 -17.06 10.44 -4.28
C ILE A 67 -16.62 10.59 -2.82
N THR A 68 -17.23 11.57 -2.14
CA THR A 68 -17.03 11.86 -0.71
C THR A 68 -15.55 11.81 -0.34
N LEU A 69 -14.79 12.81 -0.84
CA LEU A 69 -13.35 12.81 -0.67
C LEU A 69 -12.88 13.23 0.73
N ASP A 70 -13.77 13.76 1.58
CA ASP A 70 -13.42 14.16 2.93
C ASP A 70 -14.68 14.36 3.78
N LEU A 71 -14.50 14.49 5.09
CA LEU A 71 -15.61 14.53 6.05
C LEU A 71 -16.69 15.55 5.69
N GLY A 72 -17.94 15.09 5.66
CA GLY A 72 -19.07 15.93 5.28
C GLY A 72 -20.22 15.87 6.28
N PHE A 73 -20.63 17.02 6.78
CA PHE A 73 -21.59 17.07 7.87
C PHE A 73 -23.00 17.40 7.43
N SER A 74 -23.96 16.68 7.98
CA SER A 74 -25.37 17.01 7.81
C SER A 74 -26.05 16.89 9.17
N CYS A 75 -27.34 17.16 9.25
CA CYS A 75 -27.98 17.02 10.57
C CYS A 75 -29.50 16.96 10.59
N PHE A 76 -30.04 15.91 11.21
CA PHE A 76 -31.48 15.78 11.33
C PHE A 76 -31.76 16.01 12.80
N SER A 77 -33.04 16.14 13.14
CA SER A 77 -33.42 16.32 14.53
C SER A 77 -34.62 15.45 14.87
N VAL A 78 -34.60 14.92 16.08
CA VAL A 78 -35.72 14.20 16.65
C VAL A 78 -35.94 14.80 18.03
N PRO A 79 -37.16 14.69 18.58
CA PRO A 79 -37.38 15.27 19.92
C PRO A 79 -36.44 14.62 20.92
N LEU A 80 -35.79 15.45 21.71
CA LEU A 80 -34.77 14.99 22.64
C LEU A 80 -35.34 13.94 23.59
N PRO A 81 -34.64 12.80 23.70
CA PRO A 81 -35.02 11.73 24.64
C PRO A 81 -35.15 12.27 26.06
N ALA A 82 -35.97 11.65 26.89
CA ALA A 82 -36.13 12.15 28.26
C ALA A 82 -34.80 12.09 29.02
N ARG A 83 -34.10 10.97 28.85
CA ARG A 83 -32.86 10.70 29.58
C ARG A 83 -31.77 11.76 29.40
N LEU A 84 -31.84 12.51 28.31
CA LEU A 84 -30.74 13.41 27.96
C LEU A 84 -30.75 14.83 28.49
N ARG A 85 -31.85 15.22 29.14
CA ARG A 85 -32.04 16.57 29.68
C ARG A 85 -31.00 17.04 30.69
N SER A 86 -30.14 16.13 31.14
CA SER A 86 -29.13 16.51 32.11
C SER A 86 -28.13 17.31 31.30
N SER A 87 -28.67 18.04 30.31
CA SER A 87 -27.94 18.94 29.44
C SER A 87 -28.91 19.61 28.46
N PRO A 104 -37.41 21.38 23.19
CA PRO A 104 -36.38 20.39 23.54
C PRO A 104 -36.12 19.45 22.37
N LEU A 105 -34.88 19.42 21.89
CA LEU A 105 -34.55 18.71 20.65
C LEU A 105 -33.18 18.05 20.70
N LEU A 106 -33.11 16.81 20.23
CA LEU A 106 -31.82 16.20 19.94
C LEU A 106 -31.46 16.54 18.51
N GLN A 107 -30.21 16.93 18.29
CA GLN A 107 -29.74 17.22 16.95
C GLN A 107 -28.58 16.30 16.60
N VAL A 108 -28.88 15.24 15.86
CA VAL A 108 -27.83 14.34 15.41
C VAL A 108 -27.07 14.99 14.28
N THR A 109 -25.75 15.05 14.42
CA THR A 109 -24.90 15.56 13.36
C THR A 109 -24.21 14.39 12.67
N LEU A 110 -24.51 14.20 11.40
CA LEU A 110 -24.08 13.02 10.68
C LEU A 110 -22.73 13.19 10.00
N VAL A 111 -21.67 12.89 10.74
CA VAL A 111 -20.32 12.95 10.21
C VAL A 111 -20.10 11.85 9.16
N ASP A 112 -20.02 12.26 7.90
CA ASP A 112 -19.91 11.35 6.76
C ASP A 112 -18.44 11.15 6.41
N CYS A 113 -18.03 9.90 6.24
CA CYS A 113 -16.62 9.63 6.09
C CYS A 113 -16.31 8.97 4.74
N PRO A 114 -15.15 9.27 4.15
CA PRO A 114 -14.78 8.62 2.90
C PRO A 114 -14.47 7.15 3.11
N GLY A 115 -14.70 6.37 2.05
CA GLY A 115 -14.44 4.96 2.12
C GLY A 115 -13.11 4.57 1.51
N HIS A 116 -12.56 5.43 0.66
CA HIS A 116 -11.37 5.09 -0.11
C HIS A 116 -10.20 4.76 0.80
N ALA A 117 -9.64 3.56 0.63
CA ALA A 117 -8.59 3.04 1.51
C ALA A 117 -7.41 3.99 1.68
N SER A 118 -7.11 4.76 0.64
CA SER A 118 -6.01 5.71 0.70
C SER A 118 -6.40 6.95 1.50
N LEU A 119 -7.60 6.92 2.08
CA LEU A 119 -8.09 8.02 2.91
C LEU A 119 -8.44 7.55 4.32
N ILE A 120 -7.71 6.55 4.80
CA ILE A 120 -7.91 6.04 6.15
C ILE A 120 -7.65 7.13 7.19
N ARG A 121 -6.58 7.89 6.96
CA ARG A 121 -6.17 8.96 7.88
C ARG A 121 -7.27 9.99 8.09
N THR A 122 -8.12 10.17 7.08
CA THR A 122 -9.29 11.03 7.22
C THR A 122 -10.23 10.43 8.26
N ILE A 123 -10.45 9.12 8.17
CA ILE A 123 -11.28 8.41 9.13
C ILE A 123 -10.72 8.49 10.55
N ILE A 124 -9.53 7.92 10.74
CA ILE A 124 -8.86 7.90 12.04
C ILE A 124 -9.03 9.21 12.81
N GLY A 125 -8.80 10.31 12.11
CA GLY A 125 -9.04 11.62 12.68
C GLY A 125 -10.51 11.83 12.98
N GLY A 126 -11.36 11.54 12.00
CA GLY A 126 -12.78 11.80 12.12
C GLY A 126 -13.55 10.79 12.95
N ALA A 127 -12.85 9.92 13.67
CA ALA A 127 -13.51 8.98 14.57
C ALA A 127 -13.33 9.43 16.01
N GLN A 128 -12.53 10.48 16.18
CA GLN A 128 -12.32 11.09 17.48
C GLN A 128 -13.39 12.16 17.70
N ILE A 129 -13.93 12.65 16.59
CA ILE A 129 -15.02 13.63 16.62
C ILE A 129 -16.34 12.96 17.02
N ILE A 130 -16.42 11.65 16.85
CA ILE A 130 -17.71 11.00 17.09
C ILE A 130 -17.94 10.15 18.33
N ASP A 131 -19.16 10.29 18.84
CA ASP A 131 -19.62 9.50 19.97
C ASP A 131 -20.03 8.10 19.51
N LEU A 132 -21.13 8.03 18.77
CA LEU A 132 -21.65 6.77 18.26
C LEU A 132 -21.34 6.56 16.79
N MSE A 133 -20.72 5.43 16.47
CA MSE A 133 -20.37 5.12 15.08
C MSE A 133 -21.30 4.08 14.48
O MSE A 133 -21.42 2.97 15.01
CB MSE A 133 -18.93 4.61 15.02
CG MSE A 133 -18.58 3.90 13.72
SE MSE A 133 -16.94 2.85 13.86
CE MSE A 133 -17.65 1.09 13.44
N MSE A 134 -21.96 4.42 13.38
CA MSE A 134 -22.76 3.43 12.69
C MSE A 134 -22.01 2.86 11.49
O MSE A 134 -21.75 3.55 10.51
CB MSE A 134 -24.12 4.02 12.28
CG MSE A 134 -24.08 5.28 11.44
SE MSE A 134 -25.88 6.02 11.25
CE MSE A 134 -26.89 4.37 11.45
N LEU A 135 -21.63 1.60 11.60
CA LEU A 135 -20.87 0.91 10.58
C LEU A 135 -21.78 0.36 9.49
N VAL A 136 -21.78 1.01 8.33
CA VAL A 136 -22.67 0.58 7.25
C VAL A 136 -21.99 -0.44 6.36
N ILE A 137 -22.68 -1.56 6.16
CA ILE A 137 -22.15 -2.69 5.44
C ILE A 137 -23.06 -3.09 4.29
N ASP A 138 -22.52 -3.10 3.08
CA ASP A 138 -23.21 -3.67 1.92
C ASP A 138 -23.67 -5.08 2.31
N VAL A 139 -24.94 -5.40 2.14
CA VAL A 139 -25.42 -6.70 2.61
C VAL A 139 -25.17 -7.79 1.56
N THR A 140 -25.14 -7.40 0.29
CA THR A 140 -24.91 -8.34 -0.79
C THR A 140 -23.46 -8.80 -0.77
N LYS A 141 -22.55 -7.84 -0.89
CA LYS A 141 -21.14 -8.11 -0.62
C LYS A 141 -21.01 -8.36 0.88
N GLY A 142 -19.96 -9.05 1.30
CA GLY A 142 -19.82 -9.39 2.71
C GLY A 142 -19.34 -8.22 3.55
N MSE A 143 -18.58 -8.53 4.59
CA MSE A 143 -17.86 -7.48 5.32
C MSE A 143 -16.50 -7.30 4.67
O MSE A 143 -15.63 -8.15 4.78
CB MSE A 143 -17.71 -7.80 6.79
CG MSE A 143 -17.22 -6.59 7.59
SE MSE A 143 -17.40 -6.72 9.52
CE MSE A 143 -16.55 -5.03 9.98
N GLN A 144 -16.33 -6.17 3.99
CA GLN A 144 -15.19 -5.94 3.12
C GLN A 144 -13.95 -5.51 3.90
N THR A 145 -12.95 -4.97 3.21
CA THR A 145 -11.65 -4.73 3.82
C THR A 145 -11.65 -3.53 4.78
N GLN A 146 -11.91 -2.34 4.25
CA GLN A 146 -11.88 -1.12 5.06
C GLN A 146 -12.96 -1.16 6.14
N SER A 147 -14.02 -1.92 5.89
CA SER A 147 -15.06 -2.15 6.88
C SER A 147 -14.46 -2.72 8.16
N ALA A 148 -13.75 -3.82 8.01
CA ALA A 148 -13.11 -4.49 9.15
C ALA A 148 -11.90 -3.70 9.66
N GLU A 149 -11.56 -2.62 8.96
CA GLU A 149 -10.60 -1.66 9.48
C GLU A 149 -11.34 -0.62 10.29
N CYS A 150 -12.46 -0.17 9.76
CA CYS A 150 -13.31 0.81 10.44
C CYS A 150 -13.84 0.28 11.78
N LEU A 151 -13.87 -1.04 11.91
CA LEU A 151 -14.27 -1.65 13.17
C LEU A 151 -13.18 -1.48 14.22
N VAL A 152 -11.93 -1.67 13.80
CA VAL A 152 -10.78 -1.46 14.66
C VAL A 152 -10.75 -0.03 15.17
N ILE A 153 -10.80 0.91 14.23
CA ILE A 153 -10.83 2.33 14.53
C ILE A 153 -11.94 2.67 15.53
N GLY A 154 -13.11 2.08 15.32
CA GLY A 154 -14.24 2.26 16.22
C GLY A 154 -13.97 1.72 17.61
N GLN A 155 -13.24 0.61 17.69
CA GLN A 155 -12.85 0.05 18.98
C GLN A 155 -11.91 1.00 19.72
N ILE A 156 -10.95 1.54 18.99
CA ILE A 156 -9.96 2.43 19.56
C ILE A 156 -10.57 3.75 20.01
N ALA A 157 -11.56 4.25 19.28
CA ALA A 157 -11.98 5.63 19.45
C ALA A 157 -13.49 5.89 19.59
N CYS A 158 -14.31 4.85 19.48
CA CYS A 158 -15.76 5.04 19.68
C CYS A 158 -16.24 4.29 20.91
N GLN A 159 -17.19 4.89 21.62
CA GLN A 159 -17.71 4.31 22.84
C GLN A 159 -18.77 3.25 22.55
N LYS A 160 -19.55 3.47 21.50
CA LYS A 160 -20.60 2.52 21.13
C LYS A 160 -20.77 2.44 19.61
N LEU A 161 -21.33 1.34 19.14
CA LEU A 161 -21.43 1.03 17.72
C LEU A 161 -22.84 0.63 17.31
N VAL A 162 -23.16 0.82 16.04
CA VAL A 162 -24.41 0.34 15.44
C VAL A 162 -24.16 -0.17 14.02
N VAL A 163 -24.17 -1.49 13.82
CA VAL A 163 -23.97 -2.05 12.48
C VAL A 163 -25.21 -1.85 11.61
N VAL A 164 -25.00 -1.41 10.38
CA VAL A 164 -26.08 -1.24 9.43
C VAL A 164 -25.88 -2.13 8.20
N LEU A 165 -26.93 -2.87 7.85
CA LEU A 165 -26.92 -3.67 6.63
C LEU A 165 -27.65 -2.93 5.52
N ASN A 166 -26.90 -2.36 4.58
CA ASN A 166 -27.48 -1.59 3.49
C ASN A 166 -27.66 -2.45 2.25
N LYS A 167 -28.27 -1.87 1.21
CA LYS A 167 -28.52 -2.55 -0.06
C LYS A 167 -29.44 -3.76 0.12
N ILE A 168 -30.53 -3.55 0.86
CA ILE A 168 -31.47 -4.63 1.15
C ILE A 168 -32.13 -5.12 -0.13
N ASP A 169 -32.60 -4.18 -0.95
CA ASP A 169 -33.30 -4.52 -2.17
C ASP A 169 -32.46 -5.42 -3.09
N LEU A 170 -31.13 -5.25 -3.09
CA LEU A 170 -30.21 -6.05 -3.91
C LEU A 170 -30.15 -7.49 -3.39
N LEU A 171 -31.30 -8.08 -3.30
CA LEU A 171 -31.36 -9.41 -2.71
C LEU A 171 -32.63 -10.08 -3.19
N PRO A 172 -32.64 -11.41 -3.32
CA PRO A 172 -33.87 -12.07 -3.80
C PRO A 172 -35.04 -11.93 -2.82
N GLU A 173 -36.03 -11.12 -3.20
CA GLU A 173 -37.21 -10.82 -2.36
C GLU A 173 -37.80 -12.03 -1.65
N GLY A 174 -37.71 -13.20 -2.28
CA GLY A 174 -38.15 -14.44 -1.66
C GLY A 174 -37.20 -14.88 -0.56
N LYS A 175 -35.92 -14.97 -0.88
CA LYS A 175 -34.90 -15.35 0.10
C LYS A 175 -34.39 -14.13 0.86
N ARG A 176 -34.99 -12.98 0.58
CA ARG A 176 -34.60 -11.69 1.16
C ARG A 176 -34.23 -11.75 2.64
N GLN A 177 -35.05 -12.44 3.42
CA GLN A 177 -34.88 -12.46 4.86
C GLN A 177 -33.73 -13.35 5.32
N ALA A 178 -33.88 -14.66 5.12
CA ALA A 178 -32.93 -15.64 5.64
C ALA A 178 -31.48 -15.38 5.21
N ALA A 179 -31.28 -14.39 4.34
CA ALA A 179 -29.95 -13.89 4.01
C ALA A 179 -29.54 -12.81 5.02
N ILE A 180 -30.45 -11.87 5.28
CA ILE A 180 -30.25 -10.87 6.32
C ILE A 180 -29.97 -11.57 7.63
N ASP A 181 -30.83 -12.52 7.98
CA ASP A 181 -30.67 -13.30 9.20
C ASP A 181 -29.42 -14.17 9.15
N LYS A 182 -28.88 -14.37 7.95
CA LYS A 182 -27.60 -15.06 7.79
C LYS A 182 -26.46 -14.07 7.93
N MSE A 183 -26.64 -12.88 7.38
CA MSE A 183 -25.65 -11.83 7.50
C MSE A 183 -25.67 -11.26 8.92
O MSE A 183 -24.62 -10.87 9.44
CB MSE A 183 -25.88 -10.72 6.47
CG MSE A 183 -24.79 -9.66 6.46
SE MSE A 183 -23.01 -10.45 6.56
CE MSE A 183 -21.93 -8.90 6.04
N THR A 184 -26.84 -11.22 9.53
CA THR A 184 -26.96 -10.77 10.91
C THR A 184 -26.23 -11.72 11.84
N LYS A 185 -26.56 -13.00 11.75
CA LYS A 185 -25.96 -14.03 12.61
C LYS A 185 -24.44 -14.04 12.51
N LYS A 186 -23.93 -13.72 11.33
CA LYS A 186 -22.48 -13.68 11.11
C LYS A 186 -21.86 -12.44 11.72
N MSE A 187 -22.57 -11.32 11.64
CA MSE A 187 -22.09 -10.06 12.21
C MSE A 187 -21.97 -10.15 13.73
O MSE A 187 -21.05 -9.57 14.31
CB MSE A 187 -23.01 -8.91 11.82
CG MSE A 187 -22.81 -8.41 10.39
SE MSE A 187 -20.97 -7.89 10.03
CE MSE A 187 -20.71 -6.63 11.49
N GLN A 188 -22.90 -10.87 14.35
CA GLN A 188 -22.83 -11.13 15.78
C GLN A 188 -21.48 -11.74 16.15
N LYS A 189 -21.04 -12.68 15.32
CA LYS A 189 -19.83 -13.45 15.57
C LYS A 189 -18.57 -12.60 15.55
N THR A 190 -18.42 -11.76 14.53
CA THR A 190 -17.22 -10.93 14.40
C THR A 190 -17.14 -9.91 15.53
N LEU A 191 -18.28 -9.32 15.87
CA LEU A 191 -18.34 -8.31 16.92
C LEU A 191 -18.12 -8.91 18.31
N GLU A 192 -18.32 -10.22 18.42
CA GLU A 192 -18.21 -10.92 19.70
C GLU A 192 -16.90 -10.64 20.42
N ASN A 193 -15.80 -10.70 19.67
CA ASN A 193 -14.47 -10.51 20.22
C ASN A 193 -14.24 -9.11 20.78
N THR A 194 -15.05 -8.15 20.33
CA THR A 194 -14.79 -6.75 20.60
C THR A 194 -15.62 -6.16 21.74
N LYS A 195 -15.35 -4.90 22.07
CA LYS A 195 -16.04 -4.22 23.16
C LYS A 195 -17.46 -3.83 22.77
N PHE A 196 -17.78 -3.96 21.49
CA PHE A 196 -19.16 -3.84 21.05
C PHE A 196 -19.74 -5.25 20.90
N ARG A 197 -19.91 -5.94 22.03
CA ARG A 197 -20.28 -7.34 22.02
C ARG A 197 -21.57 -7.61 21.24
N GLY A 198 -22.62 -6.85 21.54
CA GLY A 198 -23.90 -7.08 20.90
C GLY A 198 -24.56 -5.81 20.41
N ALA A 199 -23.77 -4.98 19.71
CA ALA A 199 -24.31 -3.76 19.11
C ALA A 199 -25.39 -4.11 18.09
N PRO A 200 -26.44 -3.27 18.01
CA PRO A 200 -27.55 -3.44 17.07
C PRO A 200 -27.11 -3.69 15.63
N ILE A 201 -27.92 -4.43 14.87
CA ILE A 201 -27.59 -4.75 13.48
C ILE A 201 -28.86 -4.65 12.61
N ILE A 202 -29.15 -3.46 12.12
CA ILE A 202 -30.36 -3.22 11.34
C ILE A 202 -30.14 -3.36 9.84
N PRO A 203 -31.11 -3.97 9.16
CA PRO A 203 -31.10 -3.93 7.69
C PRO A 203 -31.84 -2.70 7.16
N VAL A 204 -31.21 -1.96 6.25
CA VAL A 204 -31.89 -0.85 5.57
C VAL A 204 -31.50 -0.81 4.11
N ALA A 205 -32.12 0.11 3.38
CA ALA A 205 -31.74 0.39 2.00
C ALA A 205 -31.99 1.87 1.73
N ALA A 206 -30.92 2.59 1.43
CA ALA A 206 -31.03 4.02 1.14
C ALA A 206 -31.54 4.26 -0.27
N LYS A 207 -30.92 3.62 -1.25
CA LYS A 207 -31.30 3.76 -2.64
C LYS A 207 -31.65 2.41 -3.26
N PRO A 208 -32.90 2.20 -3.46
CA PRO A 208 -33.32 0.97 -4.04
C PRO A 208 -33.05 1.15 -5.51
N GLY A 209 -31.81 1.49 -5.82
CA GLY A 209 -31.34 1.69 -7.18
C GLY A 209 -30.30 2.77 -7.26
N GLY A 210 -29.55 2.83 -8.34
CA GLY A 210 -28.54 3.86 -8.49
C GLY A 210 -29.04 4.94 -9.42
N ALA A 218 -38.40 5.18 -2.94
CA ALA A 218 -38.35 5.53 -1.53
C ALA A 218 -37.48 4.53 -0.75
N PRO A 219 -36.69 5.04 0.22
CA PRO A 219 -35.73 4.22 0.97
C PRO A 219 -36.35 3.46 2.15
N GLN A 220 -36.01 2.19 2.28
CA GLN A 220 -36.60 1.32 3.29
C GLN A 220 -35.87 1.43 4.63
N GLY A 221 -36.55 0.99 5.69
CA GLY A 221 -35.95 0.81 7.00
C GLY A 221 -35.31 2.00 7.69
N ILE A 222 -35.43 3.20 7.10
CA ILE A 222 -34.76 4.37 7.65
C ILE A 222 -35.48 5.00 8.86
N PRO A 223 -36.82 5.14 8.82
CA PRO A 223 -37.45 5.63 10.05
C PRO A 223 -37.19 4.71 11.24
N GLU A 224 -37.13 3.40 10.97
CA GLU A 224 -36.76 2.43 11.98
C GLU A 224 -35.33 2.68 12.48
N LEU A 225 -34.46 3.07 11.56
CA LEU A 225 -33.06 3.33 11.87
C LEU A 225 -32.91 4.41 12.93
N ILE A 226 -33.57 5.54 12.73
CA ILE A 226 -33.40 6.70 13.58
C ILE A 226 -33.89 6.46 15.01
N GLU A 227 -34.93 5.64 15.16
CA GLU A 227 -35.43 5.33 16.49
C GLU A 227 -34.50 4.37 17.23
N LEU A 228 -33.81 3.51 16.48
CA LEU A 228 -32.74 2.71 17.08
C LEU A 228 -31.58 3.62 17.39
N LEU A 229 -31.43 4.68 16.61
CA LEU A 229 -30.35 5.64 16.79
C LEU A 229 -30.62 6.56 17.98
N THR A 230 -31.81 7.16 17.99
CA THR A 230 -32.20 8.07 19.07
C THR A 230 -32.46 7.30 20.36
N SER A 231 -31.73 6.20 20.55
CA SER A 231 -31.88 5.38 21.75
C SER A 231 -30.53 4.87 22.23
N GLN A 232 -29.63 4.59 21.29
CA GLN A 232 -28.30 4.09 21.63
C GLN A 232 -27.31 5.24 21.82
N ILE A 233 -27.64 6.39 21.23
CA ILE A 233 -26.78 7.56 21.33
C ILE A 233 -26.64 8.00 22.79
N SER A 234 -25.41 8.17 23.23
CA SER A 234 -25.12 8.38 24.65
C SER A 234 -24.05 9.43 24.90
N ILE A 235 -24.41 10.45 25.66
CA ILE A 235 -23.50 11.55 25.98
C ILE A 235 -22.65 11.24 27.21
N PRO A 236 -21.33 11.43 27.09
CA PRO A 236 -20.35 11.18 28.16
C PRO A 236 -20.40 12.21 29.28
N THR A 237 -19.35 12.22 30.10
CA THR A 237 -19.18 13.25 31.11
C THR A 237 -18.88 14.44 30.21
N ARG A 238 -19.87 15.31 30.03
CA ARG A 238 -19.79 16.42 29.08
C ARG A 238 -19.12 17.60 29.78
N ASP A 239 -17.93 17.35 30.32
CA ASP A 239 -17.24 18.33 31.15
C ASP A 239 -16.64 19.48 30.35
N PRO A 240 -17.08 20.70 30.64
CA PRO A 240 -16.39 21.88 30.13
C PRO A 240 -15.38 22.17 31.24
N SER A 241 -14.60 21.16 31.56
CA SER A 241 -13.66 21.15 32.68
C SER A 241 -12.34 21.65 32.12
N GLY A 242 -11.61 20.74 31.45
CA GLY A 242 -10.23 20.99 31.08
C GLY A 242 -9.97 22.06 30.03
N PRO A 243 -8.73 22.10 29.51
CA PRO A 243 -8.27 23.03 28.48
C PRO A 243 -8.97 22.83 27.15
N PHE A 244 -9.56 23.91 26.64
CA PHE A 244 -10.41 23.86 25.45
C PHE A 244 -9.65 23.50 24.17
N LEU A 245 -10.29 22.66 23.36
CA LEU A 245 -9.68 22.10 22.16
C LEU A 245 -10.77 21.83 21.13
N MSE A 246 -10.54 22.25 19.89
CA MSE A 246 -11.55 22.14 18.83
C MSE A 246 -11.00 21.72 17.47
O MSE A 246 -10.08 22.33 16.94
CB MSE A 246 -12.31 23.46 18.70
CG MSE A 246 -13.01 23.62 17.36
SE MSE A 246 -13.78 25.38 17.01
CE MSE A 246 -15.31 25.32 18.22
N SER A 247 -11.60 20.67 16.91
CA SER A 247 -11.33 20.26 15.54
C SER A 247 -12.09 21.16 14.57
N VAL A 248 -11.37 21.83 13.68
CA VAL A 248 -12.00 22.75 12.75
C VAL A 248 -12.28 22.08 11.41
N ASP A 249 -13.56 22.01 11.06
CA ASP A 249 -14.01 21.32 9.87
C ASP A 249 -13.95 22.24 8.66
N HIS A 250 -14.54 23.41 8.79
CA HIS A 250 -14.45 24.44 7.77
C HIS A 250 -13.97 25.74 8.40
N CYS A 251 -13.07 26.44 7.71
CA CYS A 251 -12.56 27.71 8.18
C CYS A 251 -12.49 28.68 7.00
N PHE A 252 -13.17 29.81 7.13
CA PHE A 252 -13.29 30.75 6.02
C PHE A 252 -13.56 32.17 6.52
N SER A 253 -13.53 33.13 5.59
CA SER A 253 -13.61 34.53 5.94
C SER A 253 -14.85 35.23 5.36
N ILE A 254 -15.38 36.18 6.11
CA ILE A 254 -16.57 36.92 5.66
C ILE A 254 -16.41 38.41 5.90
N GLY A 258 -15.13 39.13 9.47
CA GLY A 258 -14.13 38.39 10.20
C GLY A 258 -13.79 37.06 9.55
N THR A 259 -13.22 36.14 10.33
CA THR A 259 -12.96 34.79 9.85
C THR A 259 -13.72 33.76 10.68
N VAL A 260 -14.21 32.72 10.01
CA VAL A 260 -15.12 31.76 10.62
C VAL A 260 -14.46 30.40 10.79
N MSE A 261 -14.89 29.63 11.79
CA MSE A 261 -14.38 28.29 12.01
C MSE A 261 -15.47 27.32 12.47
O MSE A 261 -15.62 27.07 13.65
CB MSE A 261 -13.25 28.29 13.04
CG MSE A 261 -12.00 29.03 12.62
SE MSE A 261 -10.69 29.10 14.06
CE MSE A 261 -11.89 29.30 15.58
N THR A 262 -16.23 26.78 11.52
CA THR A 262 -17.23 25.77 11.86
C THR A 262 -16.51 24.49 12.30
N GLY A 263 -16.30 24.37 13.60
CA GLY A 263 -15.60 23.23 14.14
C GLY A 263 -16.37 22.52 15.26
N THR A 264 -15.83 21.38 15.68
CA THR A 264 -16.42 20.61 16.77
C THR A 264 -15.53 20.71 18.01
N ILE A 265 -16.15 20.90 19.17
CA ILE A 265 -15.38 21.02 20.41
C ILE A 265 -15.06 19.63 20.98
N LEU A 266 -13.86 19.48 21.52
CA LEU A 266 -13.40 18.19 22.04
C LEU A 266 -13.17 18.24 23.55
N SER A 267 -12.53 19.29 24.02
CA SER A 267 -12.28 19.46 25.44
C SER A 267 -12.74 20.83 25.94
N GLY A 268 -13.19 20.88 27.18
CA GLY A 268 -13.47 22.14 27.87
C GLY A 268 -14.48 23.08 27.24
N SER A 269 -14.66 24.22 27.91
CA SER A 269 -15.62 25.22 27.49
C SER A 269 -14.97 26.30 26.64
N ILE A 270 -15.78 27.26 26.20
CA ILE A 270 -15.29 28.49 25.58
C ILE A 270 -16.40 29.53 25.63
N SER A 271 -16.14 30.61 26.36
CA SER A 271 -17.11 31.69 26.47
C SER A 271 -16.81 32.77 25.44
N LEU A 272 -17.71 33.73 25.31
CA LEU A 272 -17.52 34.83 24.38
C LEU A 272 -16.28 35.65 24.75
N GLY A 273 -15.51 36.05 23.74
CA GLY A 273 -14.36 36.90 23.94
C GLY A 273 -13.16 36.23 24.59
N ASP A 274 -13.15 34.90 24.59
CA ASP A 274 -12.08 34.16 25.25
C ASP A 274 -10.80 34.09 24.44
N SER A 275 -9.77 33.50 25.05
CA SER A 275 -8.46 33.44 24.44
C SER A 275 -8.23 32.11 23.71
N VAL A 276 -8.06 32.19 22.40
CA VAL A 276 -7.98 31.02 21.55
C VAL A 276 -6.70 31.00 20.71
N GLU A 277 -5.95 29.90 20.78
CA GLU A 277 -4.73 29.75 20.01
C GLU A 277 -4.97 28.86 18.79
N ILE A 278 -4.34 29.27 17.69
CA ILE A 278 -4.32 28.57 16.42
C ILE A 278 -2.83 28.37 16.22
N PRO A 279 -2.38 27.06 16.23
CA PRO A 279 -0.91 26.92 16.11
C PRO A 279 -0.30 27.05 14.71
N ALA A 280 -0.98 26.55 13.70
CA ALA A 280 -0.50 26.64 12.32
C ALA A 280 -0.73 28.05 11.79
N LEU A 281 -1.38 28.87 12.59
CA LEU A 281 -1.69 30.25 12.21
C LEU A 281 -0.63 31.21 12.76
N LYS A 282 0.24 30.68 13.62
CA LYS A 282 1.31 31.49 14.22
C LYS A 282 0.99 32.61 15.20
N VAL A 283 -0.31 32.88 15.39
CA VAL A 283 -0.72 33.95 16.30
C VAL A 283 -2.02 33.40 16.90
N VAL A 284 -2.62 34.19 17.80
CA VAL A 284 -3.79 33.74 18.56
C VAL A 284 -4.82 34.85 18.75
N LYS A 285 -5.93 34.76 18.02
CA LYS A 285 -6.98 35.78 18.06
C LYS A 285 -8.00 35.52 19.16
N LYS A 286 -8.96 36.44 19.31
CA LYS A 286 -10.00 36.33 20.32
C LYS A 286 -11.37 36.10 19.69
N VAL A 287 -12.22 35.38 20.40
CA VAL A 287 -13.53 35.00 19.88
C VAL A 287 -14.51 36.17 19.89
N LYS A 288 -15.09 36.46 18.73
CA LYS A 288 -16.08 37.53 18.62
C LYS A 288 -17.49 36.99 18.85
N SER A 289 -18.04 36.36 17.82
CA SER A 289 -19.39 35.80 17.92
C SER A 289 -19.35 34.28 17.92
N MSE A 290 -20.44 33.68 18.38
CA MSE A 290 -20.56 32.22 18.40
C MSE A 290 -21.97 31.78 18.01
O MSE A 290 -22.81 31.49 18.87
CB MSE A 290 -20.21 31.66 19.78
CG MSE A 290 -18.76 31.84 20.17
SE MSE A 290 -18.24 30.70 21.67
CE MSE A 290 -19.15 31.69 23.06
N GLN A 291 -22.23 31.73 16.72
CA GLN A 291 -23.49 31.25 16.18
C GLN A 291 -23.49 29.72 16.12
N MSE A 292 -24.43 29.09 16.81
CA MSE A 292 -24.51 27.63 16.78
C MSE A 292 -25.80 27.12 16.14
O MSE A 292 -25.81 26.75 14.97
CB MSE A 292 -24.39 27.04 18.19
CG MSE A 292 -23.98 25.58 18.19
SE MSE A 292 -24.08 24.66 19.92
CE MSE A 292 -23.83 26.17 21.13
N PHE A 293 -26.89 27.11 16.91
CA PHE A 293 -28.16 26.59 16.41
C PHE A 293 -28.93 27.68 15.65
N HIS A 294 -28.28 28.24 14.62
CA HIS A 294 -28.77 29.40 13.87
C HIS A 294 -28.94 30.65 14.74
N MSE A 295 -28.56 30.56 16.01
CA MSE A 295 -28.78 31.65 16.97
C MSE A 295 -27.51 31.82 17.82
O MSE A 295 -26.85 30.84 18.13
CB MSE A 295 -30.01 31.45 17.85
CG MSE A 295 -31.31 31.46 17.04
SE MSE A 295 -32.65 30.19 17.68
CE MSE A 295 -33.29 29.56 15.95
N PRO A 296 -27.18 33.07 18.17
CA PRO A 296 -25.91 33.40 18.82
C PRO A 296 -25.83 32.93 20.27
N ILE A 297 -24.68 32.36 20.63
CA ILE A 297 -24.49 31.78 21.95
C ILE A 297 -23.46 32.60 22.73
N THR A 298 -23.44 32.45 24.06
CA THR A 298 -22.51 33.17 24.90
C THR A 298 -21.42 32.25 25.47
N SER A 299 -21.60 30.95 25.30
CA SER A 299 -20.63 29.95 25.76
C SER A 299 -20.97 28.56 25.23
N ALA A 300 -19.93 27.77 24.92
CA ALA A 300 -20.13 26.40 24.46
C ALA A 300 -19.02 25.48 24.92
N MSE A 301 -19.25 24.18 24.86
CA MSE A 301 -18.32 23.20 25.46
C MSE A 301 -18.18 21.94 24.59
O MSE A 301 -18.56 21.94 23.45
CB MSE A 301 -18.81 22.85 26.84
CG MSE A 301 -20.26 22.35 26.86
SE MSE A 301 -20.90 21.88 28.63
CE MSE A 301 -22.64 21.15 28.15
N GLN A 302 -17.63 20.85 25.13
CA GLN A 302 -17.58 19.57 24.40
C GLN A 302 -18.86 19.17 23.72
N GLY A 303 -18.66 18.32 22.72
CA GLY A 303 -19.74 17.67 21.99
C GLY A 303 -20.42 18.60 21.01
N ASP A 304 -20.65 19.85 21.41
CA ASP A 304 -21.29 20.81 20.52
C ASP A 304 -20.50 20.97 19.23
N ARG A 305 -21.23 21.31 18.16
CA ARG A 305 -20.67 21.63 16.86
C ARG A 305 -20.80 23.13 16.98
N LEU A 306 -19.78 23.89 16.61
CA LEU A 306 -19.89 25.33 16.81
C LEU A 306 -19.54 26.17 15.57
N GLY A 307 -19.81 27.46 15.65
CA GLY A 307 -19.37 28.40 14.64
C GLY A 307 -18.67 29.55 15.33
N ILE A 308 -17.44 29.83 14.91
CA ILE A 308 -16.62 30.83 15.60
C ILE A 308 -16.08 31.92 14.69
N CYS A 309 -16.42 33.17 15.01
CA CYS A 309 -15.84 34.31 14.30
C CYS A 309 -14.68 34.89 15.11
N VAL A 310 -13.48 34.89 14.52
CA VAL A 310 -12.31 35.42 15.22
C VAL A 310 -11.70 36.62 14.49
N THR A 311 -10.57 37.10 15.00
CA THR A 311 -9.89 38.24 14.39
C THR A 311 -9.76 37.98 12.89
N GLN A 312 -9.49 39.01 12.12
CA GLN A 312 -9.36 38.81 10.67
C GLN A 312 -8.10 38.01 10.37
N PHE A 313 -8.16 37.18 9.36
CA PHE A 313 -6.97 36.49 8.92
C PHE A 313 -7.36 35.82 7.65
N ASP A 314 -6.53 34.92 7.17
CA ASP A 314 -6.85 34.26 5.93
C ASP A 314 -7.02 32.86 6.24
N PRO A 315 -7.76 32.14 5.40
CA PRO A 315 -8.00 30.71 5.61
C PRO A 315 -6.90 29.70 5.21
N LYS A 316 -6.29 29.91 4.05
CA LYS A 316 -5.24 29.03 3.51
C LYS A 316 -4.19 28.60 4.54
N LEU A 317 -4.19 29.25 5.70
CA LEU A 317 -3.24 28.95 6.76
C LEU A 317 -3.70 27.77 7.54
N LEU A 318 -4.87 27.23 7.18
CA LEU A 318 -5.47 26.06 7.80
C LEU A 318 -6.73 25.74 7.02
N GLU A 319 -7.15 24.48 7.00
CA GLU A 319 -8.32 24.05 6.25
C GLU A 319 -8.96 22.96 7.10
N ARG A 320 -8.13 22.36 7.94
CA ARG A 320 -8.49 21.29 8.86
C ARG A 320 -7.47 21.34 10.00
N GLY A 321 -7.89 21.03 11.21
CA GLY A 321 -6.94 20.97 12.30
C GLY A 321 -7.40 21.42 13.67
N LEU A 322 -6.48 22.00 14.43
CA LEU A 322 -6.68 22.17 15.87
C LEU A 322 -6.75 23.63 16.30
N VAL A 323 -7.65 23.87 17.26
CA VAL A 323 -7.85 25.18 17.86
C VAL A 323 -7.88 24.94 19.37
N CYS A 324 -6.82 25.34 20.06
CA CYS A 324 -6.74 25.10 21.51
C CYS A 324 -6.90 26.32 22.44
N ALA A 325 -6.63 26.05 23.72
CA ALA A 325 -6.71 27.01 24.80
C ALA A 325 -5.54 27.92 24.38
N PRO A 326 -5.20 28.90 25.19
CA PRO A 326 -4.03 29.76 24.91
C PRO A 326 -2.68 29.01 24.83
N GLU A 327 -2.39 28.04 25.70
CA GLU A 327 -1.12 27.31 25.65
C GLU A 327 -1.13 25.78 25.78
N SER A 328 -2.32 25.19 25.72
CA SER A 328 -2.51 23.78 26.09
C SER A 328 -1.73 22.76 25.26
N LEU A 329 -1.59 23.02 23.96
CA LEU A 329 -1.07 22.00 23.04
C LEU A 329 0.46 21.90 22.99
N HIS A 330 0.96 20.68 22.74
CA HIS A 330 2.39 20.44 22.57
C HIS A 330 2.91 20.87 21.21
N THR A 331 4.10 20.39 20.91
CA THR A 331 4.68 20.45 19.57
C THR A 331 5.72 19.34 19.50
N VAL A 332 5.31 18.16 19.97
CA VAL A 332 6.21 17.02 20.17
C VAL A 332 7.03 16.66 18.93
N HIS A 333 8.29 16.32 19.17
CA HIS A 333 9.13 15.83 18.06
CA HIS A 333 9.22 15.86 18.14
C HIS A 333 9.40 14.35 18.22
N ALA A 334 8.92 13.80 19.34
CA ALA A 334 9.01 12.38 19.67
C ALA A 334 8.21 12.13 20.94
N ALA A 335 7.89 10.88 21.23
CA ALA A 335 7.06 10.58 22.39
C ALA A 335 7.16 9.18 22.99
N LEU A 336 7.12 9.12 24.31
CA LEU A 336 6.97 7.85 25.03
C LEU A 336 5.53 7.37 25.04
N ILE A 337 5.24 6.33 24.27
CA ILE A 337 3.86 5.93 24.05
C ILE A 337 3.51 4.51 24.48
N SER A 338 2.35 4.38 25.12
CA SER A 338 1.74 3.09 25.35
C SER A 338 1.45 2.45 24.00
N VAL A 339 1.92 1.23 23.80
CA VAL A 339 1.66 0.54 22.55
C VAL A 339 1.04 -0.83 22.78
N GLU A 340 -0.23 -0.94 22.43
CA GLU A 340 -0.89 -2.23 22.34
C GLU A 340 -1.00 -2.56 20.86
N LYS A 341 -0.62 -3.78 20.50
CA LYS A 341 -0.67 -4.19 19.10
C LYS A 341 -2.10 -4.49 18.69
N ILE A 342 -2.40 -4.32 17.41
CA ILE A 342 -3.70 -4.69 16.86
C ILE A 342 -3.62 -6.08 16.25
N PRO A 343 -4.41 -7.03 16.79
CA PRO A 343 -4.36 -8.45 16.42
C PRO A 343 -4.57 -8.70 14.92
N TYR A 344 -5.56 -8.03 14.32
CA TYR A 344 -5.85 -8.22 12.91
C TYR A 344 -4.68 -7.82 12.01
N PHE A 345 -3.74 -7.05 12.55
CA PHE A 345 -2.56 -6.74 11.78
C PHE A 345 -1.62 -7.92 11.75
N ARG A 346 -1.55 -8.57 10.59
CA ARG A 346 -0.56 -9.60 10.37
C ARG A 346 0.81 -8.97 10.18
N GLY A 347 1.83 -9.54 10.81
CA GLY A 347 3.18 -9.03 10.66
C GLY A 347 3.80 -8.52 11.94
N PRO A 348 5.08 -8.15 11.87
CA PRO A 348 5.91 -7.74 13.00
C PRO A 348 6.02 -6.23 13.18
N LEU A 349 5.93 -5.78 14.43
CA LEU A 349 6.21 -4.39 14.77
C LEU A 349 7.69 -4.25 15.15
N GLN A 350 8.51 -3.89 14.17
CA GLN A 350 9.97 -3.90 14.38
C GLN A 350 10.66 -2.64 14.89
N THR A 351 11.35 -2.77 16.02
CA THR A 351 12.09 -1.66 16.62
C THR A 351 12.89 -1.17 15.44
N LYS A 352 12.84 0.15 15.23
CA LYS A 352 13.35 0.86 14.06
C LYS A 352 12.66 0.48 12.75
N ALA A 353 11.38 0.83 12.64
CA ALA A 353 10.60 0.64 11.42
C ALA A 353 9.63 1.80 11.23
N LYS A 354 9.83 2.56 10.16
CA LYS A 354 9.09 3.80 9.94
C LYS A 354 7.61 3.56 9.56
N PHE A 355 6.73 3.73 10.54
CA PHE A 355 5.30 3.58 10.31
C PHE A 355 4.62 4.90 10.02
N HIS A 356 3.49 4.84 9.32
CA HIS A 356 2.58 5.98 9.28
C HIS A 356 1.93 6.11 10.65
N ILE A 357 1.96 7.31 11.21
CA ILE A 357 1.46 7.50 12.56
C ILE A 357 0.45 8.64 12.68
N THR A 358 -0.75 8.32 13.13
CA THR A 358 -1.79 9.32 13.32
C THR A 358 -1.89 9.68 14.80
N VAL A 359 -1.66 10.95 15.12
CA VAL A 359 -1.68 11.39 16.51
C VAL A 359 -2.94 12.20 16.80
N GLY A 360 -3.25 13.13 15.90
CA GLY A 360 -4.43 13.96 16.00
C GLY A 360 -4.97 14.18 14.59
N HIS A 361 -5.70 15.27 14.35
CA HIS A 361 -6.21 15.56 13.01
C HIS A 361 -4.94 15.91 12.25
N GLU A 362 -3.96 15.04 12.45
CA GLU A 362 -2.61 15.16 11.91
C GLU A 362 -1.91 13.82 11.97
N THR A 363 -1.18 13.50 10.91
CA THR A 363 -0.61 12.17 10.76
C THR A 363 0.77 12.24 10.11
N VAL A 364 1.80 11.84 10.85
CA VAL A 364 3.17 12.06 10.44
C VAL A 364 3.98 10.75 10.45
N MSE A 365 5.17 10.77 9.85
CA MSE A 365 6.02 9.59 9.73
C MSE A 365 6.94 9.41 10.92
O MSE A 365 7.61 10.36 11.35
CB MSE A 365 6.85 9.67 8.45
CG MSE A 365 6.04 9.50 7.18
SE MSE A 365 5.21 7.74 7.09
CE MSE A 365 6.81 6.64 7.38
N GLY A 366 7.00 8.20 11.45
CA GLY A 366 7.85 7.93 12.60
C GLY A 366 8.52 6.57 12.61
N ARG A 367 9.81 6.55 12.90
CA ARG A 367 10.51 5.32 13.20
C ARG A 367 10.33 5.06 14.70
N LEU A 368 10.30 3.79 15.09
CA LEU A 368 10.02 3.46 16.48
C LEU A 368 11.15 2.74 17.18
N MSE A 369 10.88 2.36 18.43
CA MSE A 369 11.72 1.47 19.21
C MSE A 369 10.86 0.95 20.35
O MSE A 369 10.29 1.74 21.12
CB MSE A 369 12.98 2.18 19.74
CG MSE A 369 13.32 1.89 21.20
SE MSE A 369 15.04 2.57 21.82
CE MSE A 369 16.20 1.90 20.39
N PHE A 370 10.71 -0.36 20.44
CA PHE A 370 9.87 -0.95 21.47
C PHE A 370 10.71 -1.37 22.68
N PHE A 371 10.04 -1.56 23.81
CA PHE A 371 10.68 -2.15 24.98
C PHE A 371 9.63 -2.71 25.94
N SER A 372 10.10 -3.33 27.02
CA SER A 372 9.18 -3.91 28.01
C SER A 372 9.63 -3.60 29.44
N PRO A 373 8.62 -3.66 30.39
CA PRO A 373 9.09 -3.37 31.77
C PRO A 373 10.22 -4.31 32.15
N ALA A 374 10.84 -4.09 33.31
CA ALA A 374 11.94 -4.94 33.74
C ALA A 374 11.57 -6.38 33.40
N PRO A 375 12.57 -7.26 33.24
CA PRO A 375 12.22 -8.68 33.18
C PRO A 375 11.59 -9.07 34.51
N ASP A 376 12.22 -8.61 35.59
CA ASP A 376 11.80 -8.92 36.94
C ASP A 376 10.50 -8.20 37.34
N ASN A 377 10.05 -7.28 36.50
CA ASN A 377 8.81 -6.55 36.77
C ASN A 377 7.86 -6.39 35.59
N PHE A 378 7.73 -7.46 34.83
CA PHE A 378 6.85 -7.46 33.74
C PHE A 378 5.51 -7.33 34.32
N ASP A 379 5.14 -8.39 34.96
CA ASP A 379 3.78 -8.59 35.44
C ASP A 379 3.71 -7.37 36.36
N GLN A 380 3.53 -6.20 35.76
CA GLN A 380 3.46 -4.96 36.52
C GLN A 380 2.14 -4.44 35.96
N GLU A 381 1.32 -3.87 36.83
CA GLU A 381 0.02 -3.33 36.42
C GLU A 381 0.15 -2.51 35.13
N PRO A 382 -1.03 -2.34 34.41
CA PRO A 382 -0.87 -1.54 33.18
C PRO A 382 -1.31 -0.10 33.39
N ILE A 383 -0.34 0.80 33.57
CA ILE A 383 -0.63 2.20 33.77
C ILE A 383 -0.55 3.00 32.48
N LEU A 384 -1.69 3.56 32.12
CA LEU A 384 -1.82 4.38 30.92
C LEU A 384 -2.34 5.78 31.25
N ASP A 385 -1.83 6.37 32.32
CA ASP A 385 -2.18 7.73 32.70
C ASP A 385 -0.93 8.59 32.75
N SER A 386 0.12 8.03 33.33
CA SER A 386 1.41 8.69 33.38
C SER A 386 2.53 7.67 33.13
N PHE A 387 3.75 8.17 33.00
CA PHE A 387 4.92 7.31 32.92
C PHE A 387 5.70 7.46 34.22
N ASN A 388 6.28 6.37 34.71
CA ASN A 388 7.12 6.43 35.90
C ASN A 388 8.58 6.18 35.52
N PHE A 389 9.30 7.28 35.26
CA PHE A 389 10.64 7.21 34.71
C PHE A 389 11.68 6.67 35.69
N SER A 390 11.22 6.24 36.86
CA SER A 390 12.10 5.66 37.86
C SER A 390 12.49 4.22 37.52
N GLN A 391 11.48 3.42 37.18
CA GLN A 391 11.67 1.99 36.88
C GLN A 391 12.61 1.73 35.72
N GLU A 392 13.00 0.47 35.55
CA GLU A 392 13.78 0.05 34.39
C GLU A 392 12.92 -0.68 33.38
N TYR A 393 13.43 -0.80 32.16
CA TYR A 393 12.67 -1.33 31.02
C TYR A 393 13.60 -2.05 30.03
N LEU A 394 13.41 -3.34 29.84
CA LEU A 394 14.29 -4.10 28.94
C LEU A 394 13.98 -3.81 27.46
N PHE A 395 14.96 -3.22 26.77
CA PHE A 395 14.83 -2.88 25.35
C PHE A 395 14.73 -4.15 24.50
N GLN A 396 13.67 -4.27 23.73
CA GLN A 396 13.44 -5.48 22.94
C GLN A 396 13.29 -5.18 21.45
N GLU A 397 13.52 -6.20 20.63
CA GLU A 397 13.60 -6.03 19.18
C GLU A 397 12.25 -5.90 18.48
N GLN A 398 11.23 -6.57 19.01
CA GLN A 398 9.89 -6.50 18.45
C GLN A 398 8.85 -6.59 19.55
N TYR A 399 7.65 -6.11 19.25
CA TYR A 399 6.53 -6.19 20.19
C TYR A 399 6.29 -7.64 20.61
N LEU A 400 6.62 -7.96 21.85
CA LEU A 400 6.51 -9.33 22.36
C LEU A 400 5.06 -9.81 22.34
N SER A 401 4.81 -10.86 21.55
CA SER A 401 3.45 -11.35 21.34
C SER A 401 3.31 -12.82 21.73
N PRO A 427 5.01 -9.58 29.58
CA PRO A 427 4.80 -8.18 29.18
C PRO A 427 3.32 -7.82 29.15
N ARG A 428 2.73 -7.57 30.32
CA ARG A 428 1.33 -7.18 30.38
C ARG A 428 1.19 -5.88 29.62
N GLN A 429 2.11 -4.96 29.88
CA GLN A 429 2.16 -3.67 29.22
C GLN A 429 3.50 -3.58 28.52
N GLN A 430 3.51 -2.97 27.35
CA GLN A 430 4.71 -2.82 26.55
C GLN A 430 4.66 -1.42 25.98
N TRP A 431 5.80 -0.74 25.94
CA TRP A 431 5.79 0.62 25.42
C TRP A 431 6.61 0.71 24.15
N ALA A 432 6.68 1.91 23.61
CA ALA A 432 7.56 2.21 22.49
C ALA A 432 7.83 3.70 22.47
N LEU A 433 8.82 4.12 21.69
CA LEU A 433 9.13 5.53 21.59
C LEU A 433 9.26 5.94 20.13
N VAL A 434 8.29 6.71 19.66
CA VAL A 434 8.27 7.18 18.28
C VAL A 434 9.06 8.47 18.12
N GLU A 435 9.92 8.52 17.12
CA GLU A 435 10.64 9.73 16.76
C GLU A 435 10.23 10.17 15.37
N PHE A 436 9.45 11.26 15.29
CA PHE A 436 8.83 11.66 14.03
C PHE A 436 9.84 12.11 12.98
N GLU A 437 9.33 12.54 11.83
CA GLU A 437 10.15 13.16 10.81
C GLU A 437 9.80 14.62 11.06
N LYS A 438 8.67 15.06 10.50
CA LYS A 438 8.09 16.36 10.84
C LYS A 438 7.52 16.28 12.26
N PRO A 439 7.39 17.42 12.94
CA PRO A 439 6.82 17.39 14.30
C PRO A 439 5.29 17.28 14.30
N VAL A 440 4.70 16.93 15.43
CA VAL A 440 3.26 16.70 15.52
C VAL A 440 2.64 17.25 16.79
N THR A 441 1.85 18.32 16.65
CA THR A 441 1.20 18.96 17.78
C THR A 441 0.06 18.11 18.36
N CYS A 442 0.06 17.83 19.65
CA CYS A 442 -1.02 16.98 20.16
C CYS A 442 -1.52 17.23 21.58
N PRO A 443 -2.88 17.00 21.76
CA PRO A 443 -3.34 17.21 23.14
C PRO A 443 -2.70 16.13 24.01
N ARG A 444 -2.14 16.54 25.14
CA ARG A 444 -1.45 15.61 26.03
C ARG A 444 -2.37 14.42 26.35
N LEU A 445 -1.81 13.21 26.21
CA LEU A 445 -2.51 11.93 26.45
C LEU A 445 -3.50 11.54 25.35
N CYS A 446 -3.33 12.10 24.15
CA CYS A 446 -4.15 11.70 23.01
C CYS A 446 -3.81 10.28 22.59
N LEU A 447 -4.74 9.60 21.92
CA LEU A 447 -4.44 8.26 21.44
C LEU A 447 -3.61 8.36 20.18
N VAL A 448 -2.85 7.30 19.92
CA VAL A 448 -1.98 7.24 18.75
C VAL A 448 -2.28 5.96 18.01
N ILE A 449 -2.31 6.04 16.68
CA ILE A 449 -2.48 4.82 15.89
C ILE A 449 -1.34 4.66 14.88
N GLY A 450 -0.53 3.64 15.09
CA GLY A 450 0.51 3.29 14.15
C GLY A 450 -0.06 2.40 13.07
N SER A 451 0.41 2.60 11.85
CA SER A 451 -0.14 1.89 10.70
C SER A 451 0.80 1.97 9.51
N ARG A 452 0.69 1.03 8.59
CA ARG A 452 1.58 1.00 7.43
C ARG A 452 0.81 1.30 6.16
N LEU A 453 0.81 2.56 5.77
CA LEU A 453 -0.09 3.07 4.74
C LEU A 453 0.59 3.28 3.39
N ASP A 454 1.76 2.68 3.21
CA ASP A 454 2.41 2.68 1.91
C ASP A 454 1.91 1.48 1.10
N ALA A 455 1.17 0.61 1.79
CA ALA A 455 0.63 -0.61 1.20
C ALA A 455 -0.38 -0.30 0.10
N ASP A 456 -0.71 -1.32 -0.69
CA ASP A 456 -1.69 -1.20 -1.76
C ASP A 456 -3.04 -0.68 -1.23
N ILE A 457 -3.86 -0.11 -2.11
CA ILE A 457 -5.20 0.31 -1.69
C ILE A 457 -6.13 -0.90 -1.67
N HIS A 458 -5.79 -1.90 -2.49
CA HIS A 458 -6.55 -3.13 -2.55
C HIS A 458 -5.85 -4.13 -1.64
N THR A 459 -5.26 -3.60 -0.56
CA THR A 459 -4.53 -4.39 0.42
C THR A 459 -5.18 -5.73 0.74
N ASN A 460 -4.37 -6.65 1.25
CA ASN A 460 -4.85 -7.99 1.61
C ASN A 460 -5.26 -8.10 3.08
N THR A 461 -4.50 -7.46 3.97
CA THR A 461 -4.81 -7.52 5.39
C THR A 461 -4.83 -6.13 6.00
N CYS A 462 -5.42 -6.02 7.19
CA CYS A 462 -5.51 -4.76 7.89
C CYS A 462 -4.19 -3.99 7.83
N ARG A 463 -4.30 -2.66 7.81
CA ARG A 463 -3.12 -1.81 7.68
C ARG A 463 -2.80 -1.08 8.98
N LEU A 464 -3.68 -1.24 9.98
CA LEU A 464 -3.49 -0.56 11.26
C LEU A 464 -2.70 -1.44 12.23
N ALA A 465 -1.46 -1.08 12.46
CA ALA A 465 -0.53 -1.90 13.25
C ALA A 465 -0.86 -1.94 14.72
N PHE A 466 -0.84 -0.77 15.35
CA PHE A 466 -1.00 -0.68 16.80
C PHE A 466 -1.67 0.63 17.15
N HIS A 467 -2.38 0.65 18.28
CA HIS A 467 -2.86 1.89 18.84
C HIS A 467 -2.16 2.14 20.16
N GLY A 468 -2.66 3.08 20.94
CA GLY A 468 -2.14 3.29 22.28
C GLY A 468 -2.05 4.74 22.71
N ILE A 469 -2.26 4.96 24.00
CA ILE A 469 -2.17 6.28 24.60
C ILE A 469 -0.80 6.88 24.42
N LEU A 470 -0.74 8.21 24.36
CA LEU A 470 0.52 8.92 24.32
C LEU A 470 0.92 9.26 25.75
N LEU A 471 1.64 8.34 26.39
CA LEU A 471 1.90 8.41 27.82
C LEU A 471 2.70 9.64 28.23
N HIS A 472 3.52 10.14 27.30
CA HIS A 472 4.39 11.28 27.55
C HIS A 472 4.99 11.71 26.23
N GLY A 473 5.10 13.02 26.02
CA GLY A 473 5.62 13.52 24.76
C GLY A 473 6.80 14.45 24.96
N LEU A 474 7.95 14.07 24.40
CA LEU A 474 9.15 14.89 24.49
C LEU A 474 9.01 16.14 23.63
N GLU A 475 8.84 17.27 24.31
CA GLU A 475 8.63 18.55 23.64
C GLU A 475 9.95 19.12 23.12
N ASP A 476 11.04 18.79 23.80
CA ASP A 476 12.37 19.28 23.44
C ASP A 476 12.80 18.81 22.05
N ARG A 477 13.47 19.69 21.31
CA ARG A 477 13.89 19.39 19.95
C ARG A 477 15.18 18.55 19.91
N ASN A 478 16.11 18.85 20.81
CA ASN A 478 17.33 18.06 20.96
C ASN A 478 17.18 17.05 22.09
N TYR A 479 15.95 16.55 22.22
CA TYR A 479 15.49 15.67 23.30
C TYR A 479 16.32 14.41 23.56
N ALA A 480 16.91 13.84 22.51
CA ALA A 480 17.67 12.60 22.64
C ALA A 480 18.77 12.75 23.69
N ASP A 481 19.20 13.99 23.87
CA ASP A 481 20.18 14.34 24.87
C ASP A 481 19.47 15.01 26.05
N SER A 482 18.56 15.93 25.72
CA SER A 482 17.92 16.79 26.70
C SER A 482 17.01 16.04 27.68
N PHE A 483 16.40 14.95 27.23
CA PHE A 483 15.40 14.27 28.04
C PHE A 483 15.37 12.75 28.11
N LEU A 484 15.74 12.11 27.00
CA LEU A 484 15.75 10.65 26.92
C LEU A 484 16.72 10.06 27.93
N PRO A 485 17.81 10.86 28.27
CA PRO A 485 18.73 10.26 29.25
C PRO A 485 18.06 10.13 30.62
N ARG A 486 16.73 10.18 30.63
CA ARG A 486 15.97 10.07 31.88
C ARG A 486 15.19 8.76 31.86
N LEU A 487 15.38 7.99 30.79
CA LEU A 487 14.73 6.69 30.64
C LEU A 487 15.77 5.58 30.79
N LYS A 488 15.37 4.45 31.36
CA LYS A 488 16.32 3.41 31.73
C LYS A 488 16.15 2.11 30.94
N VAL A 489 16.26 2.19 29.63
CA VAL A 489 16.15 1.01 28.77
C VAL A 489 17.54 0.53 28.33
N TYR A 490 17.79 -0.75 28.49
CA TYR A 490 19.08 -1.33 28.11
C TYR A 490 18.89 -2.61 27.30
N LYS A 491 19.89 -2.94 26.48
CA LYS A 491 19.83 -4.13 25.65
C LYS A 491 20.71 -5.25 26.23
N LEU A 492 20.07 -6.17 26.95
CA LEU A 492 20.79 -7.28 27.55
C LEU A 492 21.65 -7.72 26.36
N LYS A 493 22.92 -7.32 26.40
CA LYS A 493 23.85 -7.67 25.33
C LYS A 493 24.66 -8.81 25.95
N HIS A 494 25.15 -9.70 25.09
CA HIS A 494 25.93 -10.84 25.54
C HIS A 494 26.95 -11.27 24.49
N LYS A 495 28.21 -11.41 24.90
CA LYS A 495 29.27 -11.81 23.99
C LYS A 495 30.62 -11.88 24.71
N ASP A 504 52.20 -16.70 33.85
CA ASP A 504 51.21 -17.35 33.01
C ASP A 504 50.07 -17.92 33.83
N ASP A 505 50.32 -18.15 35.12
CA ASP A 505 49.32 -18.69 36.01
C ASP A 505 48.49 -17.59 36.66
N TYR A 506 47.17 -17.73 36.60
CA TYR A 506 46.27 -16.73 37.17
C TYR A 506 46.33 -15.42 36.40
N SER A 507 46.68 -15.51 35.12
CA SER A 507 46.77 -14.33 34.27
C SER A 507 46.90 -14.71 32.80
N VAL A 508 45.77 -15.02 32.18
CA VAL A 508 45.76 -15.41 30.77
C VAL A 508 46.12 -14.23 29.88
N GLN A 521 39.59 -1.74 25.53
CA GLN A 521 39.85 -0.39 26.01
C GLN A 521 38.92 -0.04 27.18
N LEU A 522 37.62 -0.13 26.92
CA LEU A 522 36.61 0.29 27.88
C LEU A 522 35.91 -0.90 28.53
N PHE A 523 36.57 -2.05 28.49
CA PHE A 523 36.10 -3.22 29.25
C PHE A 523 37.14 -3.60 30.28
N VAL A 524 38.03 -2.65 30.58
CA VAL A 524 39.17 -2.90 31.45
C VAL A 524 38.70 -2.84 32.90
N GLY A 525 38.10 -3.93 33.37
CA GLY A 525 37.68 -4.01 34.76
C GLY A 525 36.48 -4.91 35.01
N LEU A 526 35.81 -5.31 33.94
CA LEU A 526 34.56 -6.07 34.07
C LEU A 526 34.77 -7.56 34.34
N LYS A 527 34.13 -8.06 35.39
CA LYS A 527 34.26 -9.45 35.74
C LYS A 527 33.59 -10.32 34.72
N VAL A 528 34.41 -11.08 34.00
CA VAL A 528 34.00 -11.98 32.91
C VAL A 528 34.04 -13.43 33.38
N HIS A 529 33.08 -14.23 32.89
CA HIS A 529 33.04 -15.64 33.23
C HIS A 529 33.87 -16.30 32.13
N LEU A 530 34.51 -17.41 32.50
CA LEU A 530 35.05 -18.35 31.50
C LEU A 530 34.49 -19.73 31.80
N SER A 531 34.32 -20.57 30.78
CA SER A 531 33.72 -21.94 30.85
C SER A 531 34.11 -23.12 31.80
N THR A 532 35.05 -22.89 32.71
CA THR A 532 35.50 -23.96 33.63
C THR A 532 35.33 -23.73 35.14
N GLY A 533 34.39 -22.87 35.52
CA GLY A 533 34.12 -22.59 36.91
C GLY A 533 35.20 -21.65 37.45
N GLU A 534 35.33 -20.51 36.77
CA GLU A 534 36.33 -19.51 37.14
C GLU A 534 35.77 -18.10 37.06
N LEU A 535 36.45 -17.18 37.72
CA LEU A 535 36.17 -15.76 37.54
C LEU A 535 37.15 -15.21 36.52
N GLY A 536 37.36 -13.90 36.52
CA GLY A 536 38.26 -13.28 35.57
C GLY A 536 37.91 -11.83 35.32
N ILE A 537 38.89 -11.02 35.01
CA ILE A 537 38.67 -9.62 34.85
C ILE A 537 39.54 -9.18 33.72
N ILE A 538 39.08 -8.22 32.94
CA ILE A 538 39.84 -7.72 31.81
C ILE A 538 41.12 -7.10 32.39
N ASP A 539 41.90 -6.46 31.53
CA ASP A 539 43.14 -5.83 31.96
C ASP A 539 43.87 -5.32 30.71
N SER A 540 45.06 -4.76 30.92
CA SER A 540 45.85 -4.22 29.83
C SER A 540 45.37 -4.61 28.43
N PHE A 548 44.02 -7.70 25.93
CA PHE A 548 43.43 -9.04 25.98
C PHE A 548 44.07 -9.93 27.06
N LYS A 549 44.59 -9.32 28.10
CA LYS A 549 45.06 -10.06 29.28
C LYS A 549 43.97 -10.05 30.35
N ILE A 550 43.87 -11.14 31.10
CA ILE A 550 42.78 -11.28 32.06
C ILE A 550 43.24 -11.85 33.41
N HIS A 551 43.48 -10.96 34.38
CA HIS A 551 43.82 -11.41 35.73
C HIS A 551 42.67 -12.23 36.32
N ILE A 552 43.01 -13.31 37.01
CA ILE A 552 42.01 -14.22 37.54
C ILE A 552 42.05 -14.28 39.06
N PRO A 553 40.88 -14.12 39.71
CA PRO A 553 40.80 -14.39 41.14
C PRO A 553 41.12 -15.85 41.44
N GLY A 554 41.97 -16.10 42.41
CA GLY A 554 42.38 -17.46 42.73
C GLY A 554 43.45 -17.99 41.81
N GLY A 555 43.05 -18.84 40.86
CA GLY A 555 43.99 -19.42 39.92
C GLY A 555 43.35 -20.29 38.85
N LEU A 556 43.94 -20.26 37.66
CA LEU A 556 43.44 -21.03 36.53
C LEU A 556 44.56 -21.81 35.86
N LEU A 597 31.21 -11.96 28.84
CA LEU A 597 30.67 -10.68 29.29
C LEU A 597 29.15 -10.69 29.29
N SER A 598 28.55 -10.10 30.33
CA SER A 598 27.10 -10.06 30.45
C SER A 598 26.63 -8.65 30.81
N LEU A 599 27.32 -7.64 30.30
CA LEU A 599 27.05 -6.24 30.62
C LEU A 599 25.65 -5.77 30.21
N THR A 600 25.30 -4.57 30.64
CA THR A 600 24.01 -3.96 30.32
C THR A 600 24.22 -2.49 29.90
N PHE A 601 24.44 -2.27 28.61
CA PHE A 601 24.65 -0.93 28.09
C PHE A 601 23.35 -0.12 28.11
N LYS A 602 23.33 1.02 28.76
CA LYS A 602 22.06 1.68 28.76
C LYS A 602 21.84 2.15 27.35
N ARG A 603 20.61 2.21 26.89
CA ARG A 603 20.36 2.63 25.55
C ARG A 603 20.82 4.06 25.31
N TYR A 604 20.50 4.96 26.24
CA TYR A 604 20.88 6.35 26.11
C TYR A 604 21.53 6.89 27.39
N VAL A 605 22.80 6.54 27.59
CA VAL A 605 23.54 6.98 28.77
C VAL A 605 24.93 7.46 28.35
N PHE A 606 25.31 7.11 27.12
CA PHE A 606 26.61 7.48 26.56
C PHE A 606 26.88 8.97 26.66
N ASP A 607 25.78 9.74 26.57
CA ASP A 607 25.76 11.21 26.54
C ASP A 607 26.55 11.84 27.69
N THR A 608 26.69 11.08 28.76
CA THR A 608 27.43 11.48 29.95
C THR A 608 27.94 10.27 30.70
N HIS A 609 27.64 9.07 30.21
CA HIS A 609 28.09 7.86 30.89
C HIS A 609 28.61 6.63 30.13
N LYS A 610 28.29 6.48 28.84
CA LYS A 610 28.78 5.27 28.13
C LYS A 610 29.03 3.96 28.93
N ARG A 611 28.18 3.76 29.94
CA ARG A 611 28.27 2.70 30.94
C ARG A 611 28.35 1.29 30.41
N MSE A 612 28.91 0.36 31.21
CA MSE A 612 28.79 -1.07 30.91
C MSE A 612 28.57 -1.78 32.21
O MSE A 612 28.55 -3.01 32.27
CB MSE A 612 30.13 -1.71 30.57
CG MSE A 612 31.09 -0.80 29.85
SE MSE A 612 30.87 -0.95 27.94
CE MSE A 612 31.99 0.57 27.38
N VAL A 613 28.43 -0.96 33.23
CA VAL A 613 28.15 -1.33 34.62
C VAL A 613 27.07 -2.40 34.80
N GLN A 614 27.53 -3.63 35.08
CA GLN A 614 26.64 -4.75 35.35
C GLN A 614 27.03 -5.45 36.67
N SER A 615 26.02 -5.94 37.40
CA SER A 615 26.18 -6.60 38.71
C SER A 615 25.79 -8.09 38.68
N ARG B 24 -7.76 21.11 -37.76
CA ARG B 24 -7.24 19.76 -37.61
C ARG B 24 -6.49 19.61 -36.28
N ARG B 25 -6.51 18.40 -35.73
CA ARG B 25 -5.88 18.14 -34.43
C ARG B 25 -5.21 16.79 -34.35
N VAL B 26 -4.22 16.70 -33.47
CA VAL B 26 -3.61 15.43 -33.09
C VAL B 26 -3.48 15.36 -31.57
N ASN B 27 -4.00 14.31 -30.98
CA ASN B 27 -3.86 14.11 -29.55
C ASN B 27 -2.52 13.48 -29.23
N VAL B 28 -1.98 13.82 -28.07
CA VAL B 28 -0.82 13.15 -27.52
C VAL B 28 -0.95 13.20 -26.02
N ASN B 29 -1.15 12.05 -25.39
CA ASN B 29 -1.16 12.04 -23.94
C ASN B 29 0.25 12.30 -23.45
N VAL B 30 0.38 13.21 -22.50
CA VAL B 30 1.65 13.40 -21.81
C VAL B 30 1.43 13.07 -20.35
N GLY B 31 2.35 12.30 -19.78
CA GLY B 31 2.19 11.83 -18.44
C GLY B 31 2.79 12.80 -17.48
N VAL B 32 2.28 12.80 -16.26
CA VAL B 32 2.91 13.54 -15.19
C VAL B 32 2.98 12.61 -13.99
N LEU B 33 4.20 12.20 -13.65
CA LEU B 33 4.42 11.31 -12.53
C LEU B 33 5.37 11.97 -11.55
N GLY B 34 5.85 11.19 -10.59
CA GLY B 34 6.75 11.73 -9.58
C GLY B 34 6.28 11.37 -8.19
N HIS B 35 6.98 11.87 -7.18
CA HIS B 35 6.63 11.60 -5.80
C HIS B 35 5.27 12.19 -5.44
N ILE B 36 4.77 11.81 -4.27
CA ILE B 36 3.46 12.27 -3.77
C ILE B 36 3.57 13.69 -3.24
N ASP B 37 4.69 14.35 -3.50
CA ASP B 37 4.93 15.71 -3.03
C ASP B 37 5.68 16.50 -4.11
N SER B 38 5.02 16.71 -5.23
CA SER B 38 5.71 17.28 -6.36
C SER B 38 5.02 18.49 -6.95
N GLY B 39 3.71 18.60 -6.79
CA GLY B 39 2.95 19.57 -7.53
C GLY B 39 2.59 19.16 -8.94
N LYS B 40 2.74 17.87 -9.26
CA LYS B 40 2.25 17.29 -10.51
C LYS B 40 0.93 17.90 -10.98
N THR B 41 -0.11 17.73 -10.17
CA THR B 41 -1.37 18.42 -10.41
C THR B 41 -1.24 19.93 -10.23
N ALA B 42 -0.40 20.37 -9.29
CA ALA B 42 -0.11 21.79 -9.14
C ALA B 42 0.59 22.32 -10.38
N LEU B 43 1.42 21.46 -10.96
CA LEU B 43 2.12 21.77 -12.19
C LEU B 43 1.17 21.59 -13.38
N ALA B 44 0.44 20.47 -13.38
CA ALA B 44 -0.47 20.12 -14.49
C ALA B 44 -1.42 21.25 -14.85
N ARG B 45 -2.11 21.79 -13.85
CA ARG B 45 -3.01 22.92 -14.07
C ARG B 45 -2.22 24.15 -14.49
N ALA B 46 -1.04 24.32 -13.91
CA ALA B 46 -0.20 25.47 -14.21
C ALA B 46 0.17 25.56 -15.68
N LEU B 47 0.27 24.41 -16.35
CA LEU B 47 0.54 24.40 -17.79
C LEU B 47 -0.66 24.87 -18.60
N SER B 48 -1.85 24.39 -18.24
CA SER B 48 -3.06 24.76 -18.95
C SER B 48 -3.38 26.25 -18.82
N THR B 49 -3.02 26.82 -17.67
CA THR B 49 -3.21 28.25 -17.43
C THR B 49 -2.31 29.09 -18.33
N THR B 50 -1.16 28.52 -18.71
CA THR B 50 -0.24 29.19 -19.63
C THR B 50 -0.86 29.30 -21.01
N ALA B 51 -1.50 28.22 -21.46
CA ALA B 51 -2.20 28.23 -22.74
C ALA B 51 -3.58 28.87 -22.60
N GLY B 66 -7.54 18.62 -3.73
CA GLY B 66 -6.89 17.82 -2.71
C GLY B 66 -5.81 16.91 -3.27
N ILE B 67 -5.75 15.67 -2.80
CA ILE B 67 -4.77 14.71 -3.26
C ILE B 67 -5.41 13.83 -4.33
N THR B 68 -4.58 13.37 -5.26
CA THR B 68 -5.07 12.68 -6.45
C THR B 68 -5.33 11.22 -6.14
N LEU B 69 -6.47 10.71 -6.60
CA LEU B 69 -6.89 9.33 -6.38
C LEU B 69 -7.09 8.55 -7.67
N ASP B 70 -7.67 9.15 -8.70
CA ASP B 70 -7.73 8.56 -10.01
C ASP B 70 -6.93 9.44 -10.96
N LEU B 71 -6.84 9.06 -12.23
CA LEU B 71 -6.08 9.84 -13.19
C LEU B 71 -6.78 11.16 -13.48
N GLY B 72 -6.01 12.25 -13.48
CA GLY B 72 -6.59 13.57 -13.65
C GLY B 72 -6.26 14.09 -15.03
N PHE B 73 -7.20 13.91 -15.95
CA PHE B 73 -7.05 14.33 -17.33
C PHE B 73 -7.29 15.82 -17.48
N SER B 74 -6.21 16.59 -17.46
CA SER B 74 -6.27 17.97 -17.94
C SER B 74 -5.90 17.93 -19.41
N CYS B 75 -5.78 19.10 -20.02
CA CYS B 75 -5.22 19.19 -21.37
C CYS B 75 -5.00 20.62 -21.79
N PHE B 76 -4.08 20.83 -22.73
CA PHE B 76 -3.98 22.09 -23.43
C PHE B 76 -3.60 21.80 -24.87
N SER B 77 -3.68 22.82 -25.72
CA SER B 77 -3.34 22.67 -27.13
C SER B 77 -2.39 23.76 -27.57
N VAL B 78 -1.48 23.42 -28.46
CA VAL B 78 -0.39 24.28 -28.86
C VAL B 78 -0.21 24.11 -30.38
N PRO B 79 0.05 25.20 -31.12
CA PRO B 79 0.20 25.10 -32.57
C PRO B 79 1.11 23.95 -33.00
N LEU B 80 0.60 23.11 -33.90
CA LEU B 80 1.26 21.86 -34.24
C LEU B 80 2.57 22.07 -34.97
N PRO B 81 3.68 21.59 -34.39
CA PRO B 81 5.00 21.70 -35.03
C PRO B 81 5.06 20.89 -36.32
N ALA B 82 5.83 21.37 -37.29
CA ALA B 82 5.85 20.79 -38.63
C ALA B 82 6.35 19.35 -38.64
N ARG B 83 7.09 18.98 -37.60
CA ARG B 83 7.62 17.63 -37.44
C ARG B 83 6.50 16.61 -37.54
N LEU B 84 5.36 16.91 -36.91
CA LEU B 84 4.24 15.98 -36.84
C LEU B 84 3.18 16.20 -37.92
N ARG B 85 3.48 17.03 -38.92
CA ARG B 85 2.51 17.30 -39.97
C ARG B 85 2.51 16.14 -40.95
N SER B 86 2.00 15.01 -40.46
CA SER B 86 1.88 13.77 -41.23
C SER B 86 0.53 13.19 -40.87
N SER B 87 0.24 13.13 -39.56
CA SER B 87 -1.00 12.54 -39.02
C SER B 87 -2.39 13.15 -39.31
N LEU B 88 -3.40 12.57 -38.66
CA LEU B 88 -4.82 12.95 -38.78
C LEU B 88 -5.25 13.02 -40.25
N GLU B 103 -4.26 27.30 -39.00
CA GLU B 103 -3.50 26.07 -39.21
C GLU B 103 -4.02 24.95 -38.32
N PRO B 104 -3.14 23.89 -38.11
CA PRO B 104 -3.66 22.83 -37.25
C PRO B 104 -3.15 22.96 -35.82
N LEU B 105 -3.74 22.18 -34.90
CA LEU B 105 -3.33 22.22 -33.50
C LEU B 105 -2.85 20.88 -32.97
N LEU B 106 -1.84 20.92 -32.10
CA LEU B 106 -1.43 19.74 -31.34
C LEU B 106 -2.08 19.78 -29.97
N GLN B 107 -2.86 18.76 -29.65
CA GLN B 107 -3.49 18.70 -28.35
C GLN B 107 -2.79 17.69 -27.46
N VAL B 108 -2.34 18.15 -26.31
CA VAL B 108 -1.63 17.29 -25.39
C VAL B 108 -2.46 17.08 -24.13
N THR B 109 -3.31 16.06 -24.17
CA THR B 109 -4.09 15.73 -23.01
C THR B 109 -2.93 15.66 -22.04
N LEU B 110 -3.19 15.78 -20.74
CA LEU B 110 -2.09 15.75 -19.80
C LEU B 110 -2.40 14.82 -18.64
N VAL B 111 -2.41 13.52 -18.92
CA VAL B 111 -2.66 12.51 -17.91
C VAL B 111 -1.74 12.70 -16.72
N ASP B 112 -2.25 13.12 -15.57
CA ASP B 112 -1.43 13.15 -14.37
C ASP B 112 -1.90 12.09 -13.39
N CYS B 113 -0.99 11.67 -12.53
CA CYS B 113 -1.16 10.47 -11.74
C CYS B 113 -1.15 10.80 -10.26
N PRO B 114 -1.72 9.93 -9.43
CA PRO B 114 -1.53 10.08 -7.99
C PRO B 114 -0.09 9.83 -7.61
N GLY B 115 0.27 10.28 -6.42
CA GLY B 115 1.62 10.07 -5.96
C GLY B 115 1.69 9.10 -4.80
N HIS B 116 0.60 8.99 -4.06
CA HIS B 116 0.61 8.21 -2.82
C HIS B 116 0.94 6.76 -3.13
N ALA B 117 1.97 6.25 -2.45
CA ALA B 117 2.50 4.91 -2.69
C ALA B 117 1.46 3.81 -2.61
N SER B 118 0.30 4.12 -2.04
CA SER B 118 -0.79 3.16 -1.95
C SER B 118 -1.36 2.85 -3.32
N LEU B 119 -1.43 3.89 -4.15
CA LEU B 119 -2.03 3.79 -5.48
C LEU B 119 -0.96 3.60 -6.54
N ILE B 120 -0.10 2.60 -6.36
CA ILE B 120 0.90 2.33 -7.38
C ILE B 120 0.19 1.66 -8.56
N ARG B 121 -0.78 0.78 -8.25
CA ARG B 121 -1.64 0.13 -9.24
C ARG B 121 -2.17 1.12 -10.26
N THR B 122 -2.60 2.27 -9.75
CA THR B 122 -3.26 3.29 -10.54
C THR B 122 -2.24 4.08 -11.37
N ILE B 123 -0.99 4.11 -10.90
CA ILE B 123 0.07 4.78 -11.66
C ILE B 123 0.51 3.93 -12.86
N ILE B 124 0.81 2.67 -12.60
CA ILE B 124 1.28 1.74 -13.62
C ILE B 124 0.35 1.69 -14.82
N GLY B 125 -0.96 1.66 -14.56
CA GLY B 125 -1.94 1.62 -15.61
C GLY B 125 -1.98 2.90 -16.41
N GLY B 126 -1.71 4.02 -15.75
CA GLY B 126 -1.75 5.32 -16.39
C GLY B 126 -0.43 5.69 -17.03
N ALA B 127 0.47 4.72 -17.17
CA ALA B 127 1.73 4.94 -17.85
C ALA B 127 1.78 4.15 -19.15
N GLN B 128 0.85 3.21 -19.27
CA GLN B 128 0.66 2.46 -20.51
C GLN B 128 -0.30 3.22 -21.41
N ILE B 129 -0.41 4.52 -21.17
CA ILE B 129 -1.34 5.39 -21.90
C ILE B 129 -0.61 6.67 -22.34
N ILE B 130 0.71 6.61 -22.43
CA ILE B 130 1.49 7.82 -22.68
C ILE B 130 2.68 7.70 -23.65
N ASP B 131 2.94 8.78 -24.39
CA ASP B 131 4.06 8.84 -25.33
C ASP B 131 5.27 9.57 -24.74
N LEU B 132 5.14 10.03 -23.51
CA LEU B 132 6.17 10.80 -22.82
C LEU B 132 5.71 10.85 -21.38
N MSE B 133 6.64 10.94 -20.43
CA MSE B 133 6.24 11.07 -19.04
C MSE B 133 7.23 12.06 -18.45
O MSE B 133 8.44 11.91 -18.60
CB MSE B 133 6.17 9.80 -18.19
CG MSE B 133 7.49 9.09 -17.98
SE MSE B 133 7.68 8.40 -16.17
CE MSE B 133 9.25 9.42 -15.62
N MSE B 134 6.72 13.10 -17.78
CA MSE B 134 7.60 13.99 -17.07
C MSE B 134 7.59 13.71 -15.58
O MSE B 134 6.61 13.98 -14.88
CB MSE B 134 7.25 15.47 -17.33
CG MSE B 134 5.79 15.79 -17.48
SE MSE B 134 5.58 17.73 -17.71
CE MSE B 134 3.76 17.84 -18.39
N LEU B 135 8.69 13.14 -15.11
CA LEU B 135 8.91 12.92 -13.68
C LEU B 135 9.07 14.25 -12.98
N VAL B 136 8.15 14.58 -12.08
CA VAL B 136 8.27 15.80 -11.32
C VAL B 136 9.05 15.55 -10.03
N ILE B 137 10.05 16.39 -9.79
CA ILE B 137 10.82 16.35 -8.55
C ILE B 137 10.78 17.74 -7.95
N ASP B 138 10.78 17.83 -6.63
CA ASP B 138 10.99 19.14 -6.01
C ASP B 138 12.47 19.29 -5.71
N VAL B 139 13.09 20.30 -6.33
CA VAL B 139 14.53 20.51 -6.26
C VAL B 139 15.07 20.53 -4.82
N THR B 140 14.18 20.82 -3.88
CA THR B 140 14.49 20.72 -2.46
C THR B 140 14.73 19.37 -1.80
N LYS B 141 13.67 18.58 -1.67
CA LYS B 141 13.79 17.21 -1.19
C LYS B 141 14.00 16.54 -2.53
N GLY B 142 15.16 15.91 -2.72
CA GLY B 142 15.51 15.27 -3.98
C GLY B 142 14.72 14.05 -4.40
N MSE B 143 15.27 13.31 -5.37
CA MSE B 143 14.64 12.11 -5.88
C MSE B 143 14.18 11.28 -4.72
O MSE B 143 15.03 10.71 -3.99
CB MSE B 143 15.65 11.33 -6.72
CG MSE B 143 15.16 11.16 -8.15
SE MSE B 143 16.32 9.87 -9.09
CE MSE B 143 16.09 8.34 -7.88
N GLN B 144 12.87 11.20 -4.52
CA GLN B 144 12.34 10.45 -3.41
C GLN B 144 11.97 9.02 -3.81
N THR B 145 11.22 8.34 -2.94
CA THR B 145 10.96 6.90 -3.11
C THR B 145 10.23 6.58 -4.40
N GLN B 146 9.09 7.25 -4.64
CA GLN B 146 8.35 7.00 -5.87
C GLN B 146 8.87 7.84 -7.03
N SER B 147 9.68 8.85 -6.73
CA SER B 147 10.33 9.61 -7.78
C SER B 147 11.30 8.71 -8.53
N ALA B 148 11.78 7.68 -7.86
CA ALA B 148 12.54 6.63 -8.51
C ALA B 148 11.58 5.59 -9.06
N GLU B 149 10.69 5.11 -8.20
CA GLU B 149 9.70 4.10 -8.53
C GLU B 149 8.90 4.46 -9.78
N CYS B 150 8.64 5.75 -9.97
CA CYS B 150 8.03 6.23 -11.21
C CYS B 150 9.00 6.05 -12.37
N LEU B 151 10.22 6.55 -12.18
CA LEU B 151 11.26 6.52 -13.22
C LEU B 151 11.43 5.13 -13.81
N VAL B 152 11.33 4.12 -12.95
CA VAL B 152 11.41 2.73 -13.38
C VAL B 152 10.36 2.45 -14.44
N ILE B 153 9.11 2.66 -14.06
CA ILE B 153 7.97 2.50 -14.95
C ILE B 153 8.20 3.15 -16.31
N GLY B 154 8.69 4.38 -16.30
CA GLY B 154 9.02 5.08 -17.52
C GLY B 154 9.96 4.30 -18.43
N GLN B 155 10.93 3.62 -17.82
CA GLN B 155 11.88 2.82 -18.58
C GLN B 155 11.19 1.63 -19.26
N ILE B 156 10.05 1.23 -18.72
CA ILE B 156 9.36 0.06 -19.24
C ILE B 156 8.17 0.41 -20.14
N ALA B 157 7.61 1.60 -19.96
CA ALA B 157 6.37 1.97 -20.65
C ALA B 157 6.50 3.18 -21.58
N CYS B 158 7.31 4.16 -21.20
CA CYS B 158 7.38 5.41 -21.95
C CYS B 158 8.58 5.45 -22.88
N GLN B 159 8.48 6.25 -23.93
CA GLN B 159 9.54 6.34 -24.94
C GLN B 159 10.53 7.44 -24.61
N LYS B 160 10.03 8.66 -24.47
CA LYS B 160 10.89 9.78 -24.11
C LYS B 160 10.58 10.27 -22.70
N LEU B 161 11.41 11.18 -22.19
CA LEU B 161 11.27 11.63 -20.82
C LEU B 161 11.76 13.07 -20.62
N VAL B 162 11.05 13.79 -19.75
CA VAL B 162 11.45 15.11 -19.30
C VAL B 162 11.49 15.09 -17.78
N VAL B 163 12.52 15.70 -17.19
CA VAL B 163 12.54 15.82 -15.73
C VAL B 163 12.28 17.25 -15.31
N VAL B 164 11.14 17.48 -14.68
CA VAL B 164 10.80 18.81 -14.21
C VAL B 164 11.27 19.02 -12.78
N LEU B 165 12.12 19.97 -12.52
CA LEU B 165 12.56 20.22 -11.17
C LEU B 165 11.69 21.32 -10.68
N ASN B 166 10.69 21.00 -9.88
CA ASN B 166 9.76 21.98 -9.41
C ASN B 166 10.03 22.39 -8.04
N LYS B 167 9.25 23.33 -7.50
CA LYS B 167 9.43 23.85 -6.14
C LYS B 167 10.79 24.53 -6.02
N ILE B 168 10.96 25.53 -6.88
CA ILE B 168 12.25 26.17 -7.09
C ILE B 168 12.34 27.53 -6.42
N ASP B 169 11.21 28.21 -6.21
CA ASP B 169 11.19 29.38 -5.33
C ASP B 169 11.77 29.05 -3.96
N LEU B 170 11.42 27.88 -3.40
CA LEU B 170 11.71 27.52 -2.02
C LEU B 170 13.20 27.70 -1.79
N LEU B 171 13.95 27.41 -2.82
CA LEU B 171 15.39 27.56 -2.68
C LEU B 171 15.78 29.02 -2.45
N PRO B 172 16.96 29.24 -1.89
CA PRO B 172 17.44 30.60 -1.61
C PRO B 172 18.41 31.09 -2.68
N GLU B 173 19.23 32.08 -2.34
CA GLU B 173 20.19 32.63 -3.28
C GLU B 173 19.50 33.51 -4.32
N ARG B 176 19.51 31.18 -6.47
CA ARG B 176 18.97 29.83 -6.36
C ARG B 176 19.64 28.89 -7.35
N GLN B 177 20.04 29.45 -8.49
CA GLN B 177 20.59 28.67 -9.61
C GLN B 177 21.76 27.77 -9.21
N ALA B 178 22.50 28.18 -8.19
CA ALA B 178 23.60 27.36 -7.67
C ALA B 178 23.12 25.97 -7.28
N ALA B 179 22.18 25.90 -6.34
CA ALA B 179 21.63 24.63 -5.87
C ALA B 179 20.90 23.89 -6.97
N ILE B 180 20.10 24.62 -7.74
CA ILE B 180 19.34 24.07 -8.87
C ILE B 180 20.17 23.24 -9.83
N ASP B 181 21.34 23.77 -10.20
CA ASP B 181 22.21 23.16 -11.19
C ASP B 181 23.09 22.03 -10.63
N LYS B 182 23.25 22.02 -9.32
CA LYS B 182 24.07 21.01 -8.65
C LYS B 182 23.26 19.72 -8.60
N MSE B 183 22.00 19.80 -8.99
CA MSE B 183 21.17 18.59 -9.05
C MSE B 183 20.77 18.20 -10.47
O MSE B 183 20.57 17.02 -10.75
CB MSE B 183 19.90 18.76 -8.19
CG MSE B 183 19.14 17.47 -8.10
SE MSE B 183 17.57 17.47 -6.97
CE MSE B 183 17.18 15.56 -7.06
N THR B 184 20.69 19.18 -11.36
CA THR B 184 20.58 18.91 -12.81
C THR B 184 21.80 18.07 -13.19
N LYS B 185 22.86 18.22 -12.40
CA LYS B 185 23.99 17.30 -12.42
C LYS B 185 23.57 15.91 -11.93
N LYS B 186 23.15 15.81 -10.68
CA LYS B 186 22.84 14.52 -10.06
C LYS B 186 21.70 13.78 -10.75
N MSE B 187 20.86 14.52 -11.45
CA MSE B 187 19.76 13.91 -12.21
C MSE B 187 20.28 13.36 -13.52
O MSE B 187 19.98 12.22 -13.89
CB MSE B 187 18.63 14.91 -12.44
CG MSE B 187 17.72 15.09 -11.24
SE MSE B 187 17.25 13.37 -10.42
CE MSE B 187 16.42 12.50 -11.96
N GLN B 188 21.06 14.16 -14.24
CA GLN B 188 21.70 13.72 -15.46
C GLN B 188 22.61 12.53 -15.16
N LYS B 189 23.03 12.45 -13.90
CA LYS B 189 23.86 11.34 -13.43
C LYS B 189 23.04 10.05 -13.26
N THR B 190 21.90 10.15 -12.58
CA THR B 190 21.09 8.98 -12.28
C THR B 190 20.38 8.46 -13.53
N LEU B 191 20.49 9.20 -14.63
CA LEU B 191 20.00 8.74 -15.91
C LEU B 191 21.17 8.28 -16.76
N GLU B 192 22.01 7.42 -16.17
CA GLU B 192 23.24 6.95 -16.80
C GLU B 192 23.19 5.70 -17.66
N ASN B 193 22.81 4.58 -17.05
CA ASN B 193 22.70 3.30 -17.75
C ASN B 193 21.28 3.21 -18.29
N THR B 194 20.48 4.23 -17.99
CA THR B 194 19.07 4.27 -18.39
C THR B 194 18.87 4.37 -19.89
N LYS B 195 17.61 4.50 -20.30
CA LYS B 195 17.25 4.73 -21.69
C LYS B 195 17.18 6.23 -21.96
N PHE B 196 16.78 6.98 -20.94
CA PHE B 196 16.63 8.42 -21.05
C PHE B 196 17.93 9.12 -20.72
N ARG B 197 19.02 8.69 -21.33
CA ARG B 197 20.35 9.22 -21.05
C ARG B 197 20.62 10.67 -21.45
N GLY B 198 19.71 11.23 -22.25
CA GLY B 198 19.84 12.60 -22.68
C GLY B 198 18.51 13.31 -22.56
N ALA B 199 17.82 13.04 -21.45
CA ALA B 199 16.51 13.63 -21.19
C ALA B 199 16.60 15.01 -20.53
N PRO B 200 15.90 15.98 -21.11
CA PRO B 200 15.87 17.35 -20.59
C PRO B 200 15.52 17.43 -19.11
N ILE B 201 16.07 18.42 -18.43
CA ILE B 201 15.78 18.65 -17.03
C ILE B 201 15.52 20.13 -16.79
N ILE B 202 14.25 20.54 -16.90
CA ILE B 202 13.88 21.95 -16.75
C ILE B 202 13.59 22.40 -15.32
N PRO B 203 14.03 23.67 -15.00
CA PRO B 203 13.71 24.10 -13.64
C PRO B 203 12.49 25.01 -13.67
N VAL B 204 11.42 24.60 -13.00
CA VAL B 204 10.18 25.36 -12.98
C VAL B 204 9.68 25.55 -11.56
N ALA B 205 8.60 26.31 -11.42
CA ALA B 205 7.91 26.45 -10.16
C ALA B 205 6.42 26.64 -10.43
N ALA B 206 5.61 25.70 -9.98
CA ALA B 206 4.16 25.77 -10.18
C ALA B 206 3.53 26.78 -9.23
N LYS B 207 3.76 26.59 -7.93
CA LYS B 207 3.20 27.48 -6.91
C LYS B 207 4.31 28.17 -6.12
N PRO B 208 4.43 29.48 -6.31
CA PRO B 208 5.45 30.27 -5.61
C PRO B 208 5.00 30.67 -4.21
N GLY B 209 4.91 29.68 -3.31
CA GLY B 209 4.49 29.94 -1.95
C GLY B 209 3.34 29.06 -1.52
N GLY B 210 3.44 28.48 -0.33
CA GLY B 210 2.40 27.61 0.19
C GLY B 210 1.03 28.26 0.16
N PRO B 219 3.26 31.45 -11.51
CA PRO B 219 3.95 30.16 -11.72
C PRO B 219 5.24 30.34 -12.51
N GLN B 220 6.38 30.35 -11.81
CA GLN B 220 7.65 30.70 -12.42
C GLN B 220 8.16 29.68 -13.44
N GLY B 221 8.23 30.11 -14.69
CA GLY B 221 8.98 29.42 -15.72
C GLY B 221 8.36 28.20 -16.38
N ILE B 222 7.06 28.25 -16.67
CA ILE B 222 6.36 27.12 -17.28
C ILE B 222 6.31 27.14 -18.81
N PRO B 223 6.22 28.39 -19.40
CA PRO B 223 6.17 28.35 -20.88
C PRO B 223 7.30 27.54 -21.51
N GLU B 224 8.47 27.57 -20.86
CA GLU B 224 9.64 26.85 -21.35
C GLU B 224 9.32 25.36 -21.41
N LEU B 225 8.60 24.91 -20.39
CA LEU B 225 8.21 23.51 -20.27
C LEU B 225 7.28 23.07 -21.39
N ILE B 226 6.39 23.98 -21.79
CA ILE B 226 5.48 23.71 -22.88
C ILE B 226 6.23 23.54 -24.20
N GLU B 227 7.15 24.46 -24.47
CA GLU B 227 7.94 24.41 -25.70
C GLU B 227 8.88 23.22 -25.74
N LEU B 228 9.36 22.79 -24.56
CA LEU B 228 10.19 21.60 -24.51
C LEU B 228 9.35 20.38 -24.82
N LEU B 229 8.18 20.31 -24.19
CA LEU B 229 7.23 19.26 -24.51
C LEU B 229 6.89 19.28 -25.99
N THR B 230 6.37 20.41 -26.47
CA THR B 230 5.89 20.53 -27.84
C THR B 230 6.97 20.22 -28.88
N SER B 231 8.22 20.13 -28.44
CA SER B 231 9.31 19.74 -29.32
C SER B 231 9.62 18.27 -29.08
N GLN B 232 9.57 17.85 -27.81
CA GLN B 232 10.01 16.52 -27.44
C GLN B 232 8.99 15.41 -27.73
N ILE B 233 7.72 15.80 -27.81
CA ILE B 233 6.64 14.89 -28.21
C ILE B 233 6.97 14.03 -29.43
N SER B 234 6.88 12.72 -29.28
CA SER B 234 7.16 11.83 -30.40
C SER B 234 6.11 10.74 -30.55
N ILE B 235 5.27 10.87 -31.58
CA ILE B 235 4.30 9.83 -31.89
C ILE B 235 4.90 8.63 -32.61
N PRO B 236 4.50 7.43 -32.18
CA PRO B 236 5.00 6.20 -32.79
C PRO B 236 4.13 5.98 -34.03
N THR B 237 4.29 4.84 -34.68
CA THR B 237 3.51 4.53 -35.87
C THR B 237 2.09 5.07 -35.99
N ARG B 238 1.36 5.05 -34.88
CA ARG B 238 -0.01 5.55 -34.84
C ARG B 238 -0.78 5.01 -36.03
N ASP B 239 -0.82 3.68 -36.15
CA ASP B 239 -1.43 3.04 -37.30
C ASP B 239 -2.46 1.99 -36.88
N PRO B 240 -3.68 2.09 -37.45
CA PRO B 240 -4.81 1.18 -37.20
C PRO B 240 -4.55 -0.27 -37.64
N SER B 241 -3.30 -0.58 -37.98
CA SER B 241 -2.89 -1.90 -38.41
C SER B 241 -3.30 -3.02 -37.45
N GLY B 242 -3.56 -2.64 -36.20
CA GLY B 242 -3.88 -3.60 -35.16
C GLY B 242 -5.38 -3.82 -35.02
N PRO B 243 -5.77 -4.63 -34.03
CA PRO B 243 -7.16 -4.94 -33.66
C PRO B 243 -7.49 -4.07 -32.44
N PHE B 244 -8.34 -3.07 -32.62
CA PHE B 244 -8.73 -2.13 -31.57
C PHE B 244 -8.91 -2.62 -30.12
N LEU B 245 -8.32 -1.84 -29.22
CA LEU B 245 -8.40 -2.00 -27.77
C LEU B 245 -8.34 -0.61 -27.14
N MSE B 246 -9.18 -0.35 -26.15
CA MSE B 246 -9.18 0.98 -25.55
C MSE B 246 -9.19 0.95 -24.03
O MSE B 246 -9.91 0.14 -23.43
CB MSE B 246 -10.39 1.77 -26.07
CG MSE B 246 -10.69 3.04 -25.30
SE MSE B 246 -12.41 3.82 -25.82
CE MSE B 246 -13.53 2.25 -25.65
N SER B 247 -8.39 1.80 -23.41
CA SER B 247 -8.32 1.87 -21.95
C SER B 247 -9.28 2.93 -21.39
N VAL B 248 -10.50 2.49 -21.08
CA VAL B 248 -11.51 3.37 -20.50
C VAL B 248 -11.03 3.97 -19.19
N ASP B 249 -11.22 5.28 -19.03
CA ASP B 249 -10.79 5.96 -17.80
C ASP B 249 -11.96 6.52 -17.00
N HIS B 250 -12.90 7.16 -17.68
CA HIS B 250 -14.15 7.59 -17.04
C HIS B 250 -15.33 6.92 -17.74
N CYS B 251 -16.37 6.63 -16.98
CA CYS B 251 -17.59 6.05 -17.55
C CYS B 251 -18.84 6.63 -16.87
N PHE B 252 -19.77 7.17 -17.66
CA PHE B 252 -20.96 7.76 -17.08
C PHE B 252 -22.26 7.36 -17.75
N SER B 253 -23.34 8.06 -17.41
CA SER B 253 -24.66 7.78 -17.97
C SER B 253 -25.40 9.05 -18.41
N ILE B 254 -25.25 9.40 -19.67
CA ILE B 254 -25.90 10.59 -20.27
C ILE B 254 -27.40 10.48 -20.54
N LYS B 255 -28.19 10.89 -19.55
CA LYS B 255 -29.66 10.98 -19.63
C LYS B 255 -30.28 9.64 -20.04
N GLY B 256 -31.28 9.71 -20.91
CA GLY B 256 -31.78 8.53 -21.58
C GLY B 256 -31.05 8.41 -22.91
N GLN B 257 -29.99 9.21 -23.05
CA GLN B 257 -29.19 9.25 -24.27
C GLN B 257 -28.27 8.05 -24.40
N GLY B 258 -28.03 7.37 -23.27
CA GLY B 258 -27.21 6.17 -23.26
C GLY B 258 -26.24 6.15 -22.09
N THR B 259 -25.19 5.34 -22.21
CA THR B 259 -24.13 5.29 -21.22
C THR B 259 -22.80 5.51 -21.95
N VAL B 260 -21.99 6.42 -21.42
CA VAL B 260 -20.82 6.90 -22.14
C VAL B 260 -19.50 6.47 -21.51
N MSE B 261 -18.51 6.21 -22.36
CA MSE B 261 -17.14 6.01 -21.93
C MSE B 261 -16.25 7.10 -22.49
O MSE B 261 -16.56 7.68 -23.54
CB MSE B 261 -16.63 4.65 -22.37
CG MSE B 261 -17.38 3.47 -21.78
SE MSE B 261 -17.35 1.93 -22.96
CE MSE B 261 -17.64 0.55 -21.63
N THR B 262 -15.17 7.41 -21.79
CA THR B 262 -14.08 8.20 -22.37
C THR B 262 -12.80 7.42 -22.10
N GLY B 263 -11.97 7.26 -23.12
CA GLY B 263 -10.78 6.45 -22.95
C GLY B 263 -9.84 6.42 -24.13
N THR B 264 -8.56 6.58 -23.83
CA THR B 264 -7.52 6.54 -24.84
C THR B 264 -7.51 5.22 -25.60
N ILE B 265 -7.55 5.30 -26.92
CA ILE B 265 -7.40 4.12 -27.75
C ILE B 265 -5.96 3.66 -27.71
N LEU B 266 -5.74 2.37 -27.49
CA LEU B 266 -4.39 1.84 -27.43
C LEU B 266 -3.98 1.21 -28.77
N SER B 267 -4.89 0.45 -29.37
CA SER B 267 -4.60 -0.22 -30.64
C SER B 267 -5.72 -0.01 -31.66
N GLY B 268 -5.37 -0.20 -32.94
CA GLY B 268 -6.36 -0.26 -34.01
C GLY B 268 -7.20 0.98 -34.25
N SER B 269 -8.30 0.78 -34.96
CA SER B 269 -9.25 1.86 -35.26
C SER B 269 -10.67 1.42 -35.01
N ILE B 270 -11.56 2.39 -34.83
CA ILE B 270 -12.97 2.12 -34.64
C ILE B 270 -13.83 3.18 -35.32
N SER B 271 -14.83 2.73 -36.09
CA SER B 271 -15.73 3.65 -36.77
C SER B 271 -17.08 3.66 -36.07
N LEU B 272 -17.99 4.50 -36.56
CA LEU B 272 -19.35 4.53 -36.03
C LEU B 272 -20.04 3.19 -36.24
N GLY B 273 -20.76 2.74 -35.23
CA GLY B 273 -21.49 1.50 -35.33
C GLY B 273 -20.60 0.30 -35.60
N ASP B 274 -19.66 0.05 -34.70
CA ASP B 274 -18.88 -1.19 -34.73
C ASP B 274 -19.23 -2.01 -33.51
N SER B 275 -18.77 -3.25 -33.49
CA SER B 275 -18.93 -4.06 -32.29
C SER B 275 -17.74 -3.82 -31.38
N VAL B 276 -18.02 -3.47 -30.13
CA VAL B 276 -16.98 -3.47 -29.12
C VAL B 276 -17.35 -4.47 -28.03
N GLU B 277 -16.37 -5.22 -27.57
CA GLU B 277 -16.56 -6.08 -26.43
C GLU B 277 -16.19 -5.31 -25.17
N ILE B 278 -17.04 -5.37 -24.16
CA ILE B 278 -16.71 -4.89 -22.85
C ILE B 278 -16.49 -6.12 -21.98
N PRO B 279 -15.28 -6.69 -22.06
CA PRO B 279 -14.98 -8.01 -21.49
C PRO B 279 -15.27 -8.08 -20.00
N ALA B 280 -15.26 -6.92 -19.36
CA ALA B 280 -15.56 -6.80 -17.94
C ALA B 280 -17.04 -7.02 -17.64
N LEU B 281 -17.83 -7.23 -18.69
CA LEU B 281 -19.26 -7.50 -18.54
C LEU B 281 -19.71 -8.60 -19.49
N LYS B 282 -18.79 -9.05 -20.33
CA LYS B 282 -19.06 -10.10 -21.32
C LYS B 282 -20.25 -9.76 -22.21
N VAL B 283 -20.39 -8.48 -22.56
CA VAL B 283 -21.47 -8.03 -23.42
C VAL B 283 -20.96 -7.09 -24.51
N VAL B 284 -21.36 -7.33 -25.74
CA VAL B 284 -20.90 -6.55 -26.87
C VAL B 284 -21.90 -5.46 -27.25
N LYS B 285 -21.48 -4.20 -27.14
CA LYS B 285 -22.35 -3.06 -27.42
C LYS B 285 -22.13 -2.51 -28.83
N LYS B 286 -23.15 -1.83 -29.35
CA LYS B 286 -23.04 -1.16 -30.64
C LYS B 286 -22.61 0.30 -30.45
N VAL B 287 -21.61 0.73 -31.20
CA VAL B 287 -21.08 2.09 -31.08
C VAL B 287 -22.04 3.11 -31.68
N LYS B 288 -22.99 3.57 -30.87
CA LYS B 288 -23.98 4.53 -31.33
C LYS B 288 -23.34 5.85 -31.74
N SER B 289 -22.64 6.49 -30.80
CA SER B 289 -22.06 7.80 -31.05
C SER B 289 -20.61 7.93 -30.60
N MSE B 290 -19.81 8.55 -31.44
CA MSE B 290 -18.45 8.95 -31.09
C MSE B 290 -18.35 10.47 -31.08
O MSE B 290 -18.94 11.13 -31.95
CB MSE B 290 -17.42 8.37 -32.06
CG MSE B 290 -17.53 6.88 -32.32
SE MSE B 290 -16.18 6.32 -33.59
CE MSE B 290 -14.67 7.29 -32.84
N GLN B 291 -17.64 11.03 -30.12
CA GLN B 291 -17.41 12.47 -30.09
C GLN B 291 -16.02 12.79 -29.57
N MSE B 292 -15.17 13.32 -30.44
CA MSE B 292 -13.81 13.70 -30.07
C MSE B 292 -13.55 15.16 -30.38
O MSE B 292 -14.11 15.70 -31.33
CB MSE B 292 -12.79 12.84 -30.81
CG MSE B 292 -11.56 12.50 -29.99
SE MSE B 292 -9.90 12.53 -31.01
CE MSE B 292 -10.42 11.38 -32.47
N PHE B 293 -12.70 15.79 -29.58
CA PHE B 293 -12.36 17.21 -29.76
C PHE B 293 -13.62 18.09 -29.84
N HIS B 294 -14.51 17.91 -28.87
CA HIS B 294 -15.75 18.69 -28.73
C HIS B 294 -16.79 18.52 -29.84
N MSE B 295 -16.49 17.72 -30.85
CA MSE B 295 -17.37 17.60 -32.02
C MSE B 295 -17.48 16.14 -32.48
O MSE B 295 -16.57 15.35 -32.23
CB MSE B 295 -16.95 18.50 -33.19
CG MSE B 295 -16.98 19.97 -32.83
SE MSE B 295 -15.86 21.08 -33.98
CE MSE B 295 -15.95 22.74 -32.96
N PRO B 296 -18.60 15.78 -33.13
CA PRO B 296 -18.84 14.43 -33.66
C PRO B 296 -17.71 13.87 -34.55
N ILE B 297 -17.75 12.56 -34.78
CA ILE B 297 -16.67 11.89 -35.48
C ILE B 297 -17.08 10.56 -36.13
N THR B 298 -16.60 10.32 -37.35
CA THR B 298 -16.92 9.11 -38.08
C THR B 298 -16.03 7.94 -37.64
N SER B 299 -14.76 8.22 -37.38
CA SER B 299 -13.81 7.18 -36.96
C SER B 299 -12.58 7.75 -36.28
N ALA B 300 -12.11 7.04 -35.25
CA ALA B 300 -10.88 7.40 -34.57
C ALA B 300 -9.95 6.20 -34.50
N MSE B 301 -8.65 6.47 -34.38
CA MSE B 301 -7.66 5.41 -34.34
C MSE B 301 -6.76 5.53 -33.11
O MSE B 301 -6.99 6.35 -32.22
CB MSE B 301 -6.82 5.41 -35.61
CG MSE B 301 -5.98 6.66 -35.80
SE MSE B 301 -5.03 6.66 -37.50
CE MSE B 301 -6.56 6.47 -38.70
N GLN B 302 -5.72 4.69 -33.10
CA GLN B 302 -4.73 4.65 -32.03
C GLN B 302 -4.21 6.03 -31.64
N GLY B 303 -4.11 6.27 -30.33
CA GLY B 303 -3.56 7.51 -29.82
C GLY B 303 -4.58 8.56 -29.48
N ASP B 304 -5.70 8.57 -30.20
CA ASP B 304 -6.75 9.54 -29.96
C ASP B 304 -7.59 9.19 -28.74
N ARG B 305 -7.91 10.19 -27.93
CA ARG B 305 -8.72 9.99 -26.74
C ARG B 305 -10.14 10.38 -27.10
N LEU B 306 -10.94 9.40 -27.50
CA LEU B 306 -12.31 9.67 -27.91
C LEU B 306 -13.43 9.01 -27.10
N GLY B 307 -14.28 9.86 -26.53
CA GLY B 307 -15.44 9.46 -25.78
C GLY B 307 -16.52 8.75 -26.59
N ILE B 308 -16.91 7.56 -26.17
CA ILE B 308 -17.90 6.81 -26.94
C ILE B 308 -19.23 6.48 -26.26
N CYS B 309 -20.33 6.80 -26.94
CA CYS B 309 -21.67 6.53 -26.42
C CYS B 309 -22.18 5.17 -26.87
N VAL B 310 -22.64 4.37 -25.91
CA VAL B 310 -23.26 3.08 -26.21
C VAL B 310 -24.53 2.86 -25.39
N THR B 311 -25.16 1.70 -25.57
CA THR B 311 -26.52 1.46 -25.10
C THR B 311 -26.93 1.14 -23.66
N GLN B 312 -26.67 2.12 -22.78
CA GLN B 312 -27.08 2.15 -21.37
C GLN B 312 -26.92 0.83 -20.62
N PHE B 313 -25.68 0.36 -20.48
CA PHE B 313 -25.41 -0.76 -19.58
C PHE B 313 -25.23 -0.20 -18.18
N ASP B 314 -25.00 -1.08 -17.20
CA ASP B 314 -24.80 -0.63 -15.83
C ASP B 314 -23.42 0.02 -15.68
N PRO B 315 -23.41 1.36 -15.59
CA PRO B 315 -22.26 2.26 -15.73
C PRO B 315 -21.11 1.96 -14.78
N LYS B 316 -21.40 1.83 -13.49
CA LYS B 316 -20.35 1.65 -12.49
C LYS B 316 -19.87 0.20 -12.41
N LEU B 317 -20.31 -0.62 -13.35
CA LEU B 317 -19.81 -1.99 -13.44
C LEU B 317 -18.57 -2.02 -14.35
N LEU B 318 -18.18 -0.84 -14.80
CA LEU B 318 -16.90 -0.64 -15.48
C LEU B 318 -16.37 0.76 -15.19
N GLU B 319 -15.57 0.88 -14.14
CA GLU B 319 -15.08 2.17 -13.69
C GLU B 319 -13.81 2.58 -14.41
N ARG B 320 -12.99 1.58 -14.75
CA ARG B 320 -11.74 1.79 -15.45
C ARG B 320 -11.18 0.45 -15.92
N GLY B 321 -11.38 0.15 -17.20
CA GLY B 321 -10.93 -1.11 -17.75
C GLY B 321 -10.76 -1.11 -19.25
N LEU B 322 -10.58 -2.31 -19.80
CA LEU B 322 -10.39 -2.46 -21.23
C LEU B 322 -11.71 -2.61 -21.96
N VAL B 323 -11.79 -1.97 -23.11
CA VAL B 323 -12.78 -2.28 -24.12
C VAL B 323 -11.98 -2.70 -25.34
N CYS B 324 -12.48 -3.66 -26.10
CA CYS B 324 -11.68 -4.22 -27.17
C CYS B 324 -12.52 -4.59 -28.38
N ALA B 325 -11.84 -4.79 -29.51
CA ALA B 325 -12.47 -5.44 -30.65
C ALA B 325 -12.88 -6.82 -30.17
N PRO B 326 -14.10 -7.25 -30.52
CA PRO B 326 -14.65 -8.52 -30.02
C PRO B 326 -13.73 -9.70 -30.28
N GLU B 327 -13.47 -10.49 -29.24
CA GLU B 327 -12.66 -11.70 -29.30
C GLU B 327 -11.16 -11.43 -29.54
N SER B 328 -10.75 -10.17 -29.45
CA SER B 328 -9.33 -9.83 -29.60
C SER B 328 -8.55 -10.22 -28.35
N LEU B 329 -9.22 -10.18 -27.21
CA LEU B 329 -8.60 -10.56 -25.95
C LEU B 329 -8.75 -12.05 -25.66
N HIS B 330 -8.05 -12.49 -24.63
CA HIS B 330 -8.30 -13.80 -24.05
C HIS B 330 -8.22 -13.65 -22.54
N THR B 331 -9.04 -14.40 -21.81
CA THR B 331 -8.84 -14.50 -20.37
C THR B 331 -7.82 -15.60 -20.17
N VAL B 332 -6.96 -15.45 -19.18
CA VAL B 332 -5.97 -16.47 -18.89
C VAL B 332 -5.86 -16.74 -17.40
N HIS B 333 -5.65 -18.00 -17.04
CA HIS B 333 -5.47 -18.38 -15.65
C HIS B 333 -3.98 -18.49 -15.33
N ALA B 334 -3.17 -18.45 -16.37
CA ALA B 334 -1.72 -18.57 -16.25
C ALA B 334 -1.07 -18.17 -17.55
N ALA B 335 0.11 -17.56 -17.47
CA ALA B 335 0.81 -17.14 -18.67
C ALA B 335 2.28 -17.51 -18.61
N LEU B 336 2.91 -17.63 -19.76
CA LEU B 336 4.36 -17.76 -19.84
C LEU B 336 4.96 -16.40 -20.12
N ILE B 337 5.56 -15.81 -19.10
CA ILE B 337 6.19 -14.50 -19.25
C ILE B 337 7.68 -14.64 -19.51
N SER B 338 8.29 -13.54 -19.95
CA SER B 338 9.74 -13.48 -20.06
C SER B 338 10.25 -12.51 -18.99
N VAL B 339 10.89 -13.04 -17.96
CA VAL B 339 11.30 -12.20 -16.84
C VAL B 339 12.61 -11.47 -17.09
N GLU B 340 12.60 -10.17 -16.81
CA GLU B 340 13.80 -9.36 -16.74
C GLU B 340 13.74 -8.54 -15.47
N LYS B 341 14.66 -8.80 -14.54
CA LYS B 341 14.63 -8.15 -13.22
C LYS B 341 15.01 -6.69 -13.29
N ILE B 342 14.27 -5.86 -12.55
CA ILE B 342 14.68 -4.48 -12.31
C ILE B 342 15.78 -4.48 -11.27
N PRO B 343 16.90 -3.80 -11.55
CA PRO B 343 18.00 -3.70 -10.59
C PRO B 343 17.69 -3.08 -9.24
N TYR B 344 16.98 -1.96 -9.29
CA TYR B 344 16.47 -1.21 -8.14
C TYR B 344 15.86 -2.08 -7.04
N PHE B 345 15.08 -3.08 -7.42
CA PHE B 345 14.52 -4.01 -6.44
C PHE B 345 15.62 -4.86 -5.84
N ARG B 346 16.04 -4.49 -4.63
CA ARG B 346 16.99 -5.32 -3.90
C ARG B 346 16.27 -6.57 -3.39
N GLY B 347 16.90 -7.72 -3.57
CA GLY B 347 16.29 -8.97 -3.17
C GLY B 347 16.21 -9.95 -4.32
N PRO B 348 15.97 -11.24 -4.02
CA PRO B 348 15.92 -12.27 -5.06
C PRO B 348 14.55 -12.45 -5.67
N LEU B 349 14.48 -13.29 -6.70
CA LEU B 349 13.22 -13.68 -7.32
C LEU B 349 13.05 -15.17 -7.15
N GLN B 350 12.21 -15.59 -6.22
CA GLN B 350 12.14 -17.01 -5.90
C GLN B 350 10.87 -17.70 -6.38
N THR B 351 11.07 -18.80 -7.10
CA THR B 351 9.99 -19.68 -7.51
C THR B 351 9.04 -19.97 -6.35
N LYS B 352 7.74 -19.94 -6.65
CA LYS B 352 6.65 -20.18 -5.70
C LYS B 352 6.37 -18.99 -4.76
N ALA B 353 7.00 -17.84 -5.01
CA ALA B 353 6.72 -16.65 -4.21
C ALA B 353 5.53 -15.87 -4.77
N LYS B 354 4.84 -15.14 -3.89
CA LYS B 354 3.65 -14.39 -4.26
C LYS B 354 3.98 -12.98 -4.74
N PHE B 355 3.51 -12.63 -5.93
CA PHE B 355 3.84 -11.35 -6.55
C PHE B 355 2.63 -10.67 -7.20
N HIS B 356 2.53 -9.35 -7.04
CA HIS B 356 1.46 -8.57 -7.67
C HIS B 356 1.65 -8.36 -9.18
N ILE B 357 1.44 -9.39 -10.00
CA ILE B 357 1.65 -9.26 -11.46
C ILE B 357 0.68 -8.27 -12.16
N THR B 358 1.14 -7.53 -13.18
CA THR B 358 0.34 -6.49 -13.81
C THR B 358 0.18 -6.89 -15.30
N VAL B 359 -0.80 -7.74 -15.60
CA VAL B 359 -1.07 -8.18 -16.98
C VAL B 359 -1.98 -7.13 -17.59
N GLY B 360 -1.37 -6.29 -18.41
CA GLY B 360 -2.07 -5.24 -19.10
C GLY B 360 -2.55 -4.13 -18.19
N HIS B 361 -3.86 -4.04 -17.99
CA HIS B 361 -4.43 -2.99 -17.16
C HIS B 361 -5.24 -3.49 -15.97
N GLU B 362 -4.75 -4.56 -15.33
CA GLU B 362 -5.32 -5.01 -14.07
C GLU B 362 -4.35 -5.90 -13.28
N THR B 363 -3.86 -5.37 -12.17
CA THR B 363 -2.94 -6.08 -11.28
C THR B 363 -3.64 -7.26 -10.59
N VAL B 364 -2.92 -8.35 -10.41
CA VAL B 364 -3.49 -9.53 -9.78
C VAL B 364 -2.41 -10.39 -9.12
N MSE B 365 -2.74 -10.98 -7.98
CA MSE B 365 -1.80 -11.86 -7.29
C MSE B 365 -1.55 -13.11 -8.12
O MSE B 365 -2.47 -13.86 -8.44
CB MSE B 365 -2.34 -12.27 -5.92
CG MSE B 365 -2.52 -11.11 -4.95
SE MSE B 365 -0.85 -10.16 -4.62
CE MSE B 365 0.03 -11.43 -3.44
N GLY B 366 -0.29 -13.31 -8.48
CA GLY B 366 0.12 -14.50 -9.18
C GLY B 366 1.38 -15.05 -8.54
N ARG B 367 1.55 -16.36 -8.56
CA ARG B 367 2.78 -16.95 -8.07
C ARG B 367 3.65 -17.35 -9.25
N LEU B 368 4.96 -17.39 -9.03
CA LEU B 368 5.89 -17.55 -10.12
C LEU B 368 6.72 -18.82 -10.07
N MSE B 369 7.20 -19.24 -11.24
CA MSE B 369 8.11 -20.37 -11.39
C MSE B 369 9.09 -20.15 -12.53
O MSE B 369 8.74 -20.28 -13.70
CB MSE B 369 7.19 -21.55 -11.69
CG MSE B 369 7.78 -22.90 -11.33
SE MSE B 369 7.89 -24.15 -12.83
CE MSE B 369 9.39 -23.40 -13.80
N PHE B 370 10.33 -19.81 -12.17
CA PHE B 370 11.35 -19.42 -13.14
C PHE B 370 11.99 -20.61 -13.83
N PHE B 371 12.51 -20.36 -15.02
CA PHE B 371 13.40 -21.32 -15.66
C PHE B 371 14.30 -20.63 -16.67
N SER B 372 15.55 -21.05 -16.69
CA SER B 372 16.52 -20.58 -17.66
C SER B 372 16.59 -21.57 -18.82
N PRO B 373 17.26 -21.20 -19.93
CA PRO B 373 17.29 -22.17 -21.03
C PRO B 373 18.10 -23.42 -20.72
N ALA B 374 18.09 -24.38 -21.64
CA ALA B 374 19.05 -25.48 -21.57
C ALA B 374 20.43 -24.87 -21.64
N PRO B 375 21.32 -25.28 -20.72
CA PRO B 375 22.64 -24.66 -20.55
C PRO B 375 23.51 -24.64 -21.82
N ASP B 376 23.04 -25.27 -22.89
CA ASP B 376 23.73 -25.23 -24.18
C ASP B 376 23.19 -24.10 -25.06
N ASN B 377 22.06 -23.54 -24.65
CA ASN B 377 21.52 -22.33 -25.26
C ASN B 377 21.49 -21.23 -24.20
N PHE B 378 22.30 -21.44 -23.16
CA PHE B 378 22.39 -20.58 -21.97
C PHE B 378 22.79 -19.14 -22.30
N ASP B 379 22.94 -18.82 -23.58
CA ASP B 379 23.35 -17.49 -23.98
C ASP B 379 22.94 -17.09 -25.39
N GLN B 380 21.92 -17.78 -25.91
CA GLN B 380 21.43 -17.57 -27.28
C GLN B 380 20.66 -16.29 -27.54
N GLU B 381 19.91 -16.30 -28.63
CA GLU B 381 19.11 -15.15 -29.05
C GLU B 381 17.78 -15.03 -28.31
N PRO B 382 17.66 -13.95 -27.55
CA PRO B 382 16.46 -13.64 -26.78
C PRO B 382 15.24 -13.48 -27.69
N ILE B 383 14.24 -14.32 -27.49
CA ILE B 383 13.05 -14.32 -28.34
C ILE B 383 11.87 -13.59 -27.71
N LEU B 384 11.85 -12.27 -27.87
CA LEU B 384 10.80 -11.45 -27.29
C LEU B 384 9.50 -11.54 -28.08
N ASP B 385 9.55 -12.17 -29.25
CA ASP B 385 8.39 -12.26 -30.14
C ASP B 385 7.36 -13.27 -29.64
N SER B 386 7.83 -14.46 -29.30
CA SER B 386 6.96 -15.52 -28.79
C SER B 386 7.78 -16.61 -28.13
N PHE B 387 7.16 -17.76 -27.88
CA PHE B 387 7.79 -18.82 -27.10
C PHE B 387 8.00 -20.11 -27.89
N ASN B 388 9.24 -20.55 -27.95
CA ASN B 388 9.54 -21.86 -28.53
C ASN B 388 9.34 -22.97 -27.50
N PHE B 389 8.33 -23.79 -27.71
CA PHE B 389 8.01 -24.86 -26.78
C PHE B 389 8.82 -26.12 -27.05
N SER B 390 9.50 -26.17 -28.20
CA SER B 390 10.16 -27.39 -28.64
C SER B 390 11.56 -27.56 -28.04
N GLN B 391 12.05 -26.51 -27.37
CA GLN B 391 13.36 -26.55 -26.73
C GLN B 391 13.20 -26.62 -25.21
N GLU B 392 13.90 -27.57 -24.59
CA GLU B 392 13.83 -27.76 -23.14
C GLU B 392 14.13 -26.47 -22.38
N TYR B 393 14.11 -26.54 -21.04
CA TYR B 393 14.37 -25.38 -20.22
C TYR B 393 14.80 -25.80 -18.82
N LEU B 394 15.86 -25.20 -18.31
CA LEU B 394 16.33 -25.57 -16.99
C LEU B 394 15.51 -24.91 -15.89
N PHE B 395 14.77 -25.72 -15.12
CA PHE B 395 14.15 -25.22 -13.90
C PHE B 395 15.27 -24.66 -13.03
N GLN B 396 15.13 -23.41 -12.61
CA GLN B 396 16.03 -22.79 -11.66
C GLN B 396 15.13 -22.20 -10.64
N GLU B 397 15.63 -21.95 -9.44
CA GLU B 397 14.83 -21.39 -8.37
C GLU B 397 15.29 -20.02 -7.91
N GLN B 398 15.66 -19.18 -8.87
CA GLN B 398 16.13 -17.83 -8.57
C GLN B 398 16.38 -17.04 -9.85
N TYR B 399 16.97 -15.86 -9.70
CA TYR B 399 17.27 -15.00 -10.84
C TYR B 399 18.77 -15.09 -11.10
N LEU B 400 19.29 -14.14 -11.88
CA LEU B 400 20.71 -14.13 -12.21
C LEU B 400 21.60 -13.41 -11.20
N SER B 401 22.89 -13.35 -11.48
CA SER B 401 23.85 -12.70 -10.60
C SER B 401 24.09 -11.21 -10.84
N PRO B 427 20.52 -16.49 -19.14
CA PRO B 427 20.83 -15.09 -18.87
C PRO B 427 20.48 -14.16 -20.01
N ARG B 428 20.70 -14.60 -21.25
CA ARG B 428 20.30 -13.80 -22.41
C ARG B 428 18.79 -13.61 -22.39
N GLN B 429 18.10 -14.61 -21.86
CA GLN B 429 16.66 -14.51 -21.59
C GLN B 429 16.25 -15.52 -20.53
N GLN B 430 15.60 -15.04 -19.48
CA GLN B 430 15.01 -15.90 -18.47
C GLN B 430 13.51 -15.95 -18.69
N TRP B 431 12.84 -16.88 -18.01
CA TRP B 431 11.39 -17.00 -18.12
C TRP B 431 10.74 -17.24 -16.77
N ALA B 432 9.41 -17.27 -16.78
CA ALA B 432 8.66 -17.73 -15.62
C ALA B 432 7.25 -18.13 -16.03
N LEU B 433 6.76 -19.19 -15.42
CA LEU B 433 5.35 -19.54 -15.48
C LEU B 433 4.64 -18.82 -14.35
N VAL B 434 3.75 -17.89 -14.69
CA VAL B 434 2.95 -17.24 -13.67
C VAL B 434 1.62 -17.98 -13.55
N GLU B 435 1.18 -18.18 -12.32
CA GLU B 435 -0.14 -18.72 -12.07
C GLU B 435 -0.94 -17.68 -11.30
N PHE B 436 -1.97 -17.14 -11.92
CA PHE B 436 -2.76 -16.10 -11.29
C PHE B 436 -3.71 -16.67 -10.24
N GLU B 437 -4.32 -15.79 -9.46
CA GLU B 437 -5.38 -16.18 -8.55
C GLU B 437 -6.70 -16.08 -9.30
N LYS B 438 -7.09 -14.86 -9.63
CA LYS B 438 -8.31 -14.62 -10.39
C LYS B 438 -7.99 -14.34 -11.86
N PRO B 439 -8.47 -15.21 -12.76
CA PRO B 439 -8.23 -15.17 -14.21
C PRO B 439 -8.30 -13.76 -14.80
N VAL B 440 -7.30 -13.42 -15.61
CA VAL B 440 -7.14 -12.04 -16.06
C VAL B 440 -7.17 -11.92 -17.58
N THR B 441 -8.23 -11.28 -18.07
CA THR B 441 -8.35 -10.99 -19.50
C THR B 441 -7.26 -10.00 -19.90
N CYS B 442 -6.60 -10.24 -21.03
CA CYS B 442 -5.50 -9.39 -21.43
C CYS B 442 -5.22 -9.44 -22.92
N PRO B 443 -4.67 -8.34 -23.46
CA PRO B 443 -4.15 -8.30 -24.83
C PRO B 443 -2.98 -9.25 -24.99
N ARG B 444 -2.99 -10.07 -26.04
CA ARG B 444 -1.89 -10.99 -26.31
C ARG B 444 -0.59 -10.22 -26.48
N LEU B 445 0.51 -10.82 -26.01
CA LEU B 445 1.84 -10.22 -26.10
C LEU B 445 1.87 -8.81 -25.49
N CYS B 446 1.60 -8.72 -24.19
CA CYS B 446 1.53 -7.42 -23.54
C CYS B 446 2.54 -7.25 -22.42
N LEU B 447 2.89 -6.00 -22.15
CA LEU B 447 3.78 -5.63 -21.05
C LEU B 447 3.31 -6.25 -19.74
N VAL B 448 4.25 -6.71 -18.93
CA VAL B 448 3.93 -7.36 -17.67
C VAL B 448 4.85 -6.89 -16.55
N ILE B 449 4.31 -6.09 -15.63
CA ILE B 449 5.07 -5.68 -14.45
C ILE B 449 4.72 -6.54 -13.25
N GLY B 450 5.73 -7.11 -12.60
CA GLY B 450 5.51 -7.80 -11.34
C GLY B 450 6.02 -6.89 -10.24
N SER B 451 5.49 -7.04 -9.03
CA SER B 451 5.93 -6.22 -7.91
C SER B 451 5.59 -6.84 -6.56
N ARG B 452 5.64 -6.03 -5.51
CA ARG B 452 5.40 -6.50 -4.14
C ARG B 452 4.81 -5.41 -3.26
N LEU B 453 3.49 -5.32 -3.21
CA LEU B 453 2.83 -4.16 -2.62
C LEU B 453 2.11 -4.47 -1.30
N ASP B 454 2.81 -5.07 -0.35
CA ASP B 454 2.19 -5.48 0.91
C ASP B 454 3.05 -5.14 2.13
N ALA B 455 4.22 -5.77 2.24
CA ALA B 455 5.07 -5.60 3.42
C ALA B 455 6.50 -5.24 3.05
N HIS B 458 10.38 -4.61 3.44
CA HIS B 458 10.89 -3.31 3.89
C HIS B 458 9.94 -2.19 3.49
N THR B 459 10.26 -0.97 3.91
CA THR B 459 9.32 0.15 3.78
C THR B 459 9.69 1.18 2.71
N ASN B 460 10.94 1.20 2.28
CA ASN B 460 11.38 2.27 1.36
C ASN B 460 12.54 1.92 0.43
N THR B 461 12.49 0.74 -0.16
CA THR B 461 13.49 0.31 -1.14
C THR B 461 12.68 0.19 -2.43
N CYS B 462 13.31 -0.16 -3.55
CA CYS B 462 12.57 -0.33 -4.81
C CYS B 462 11.44 -1.30 -4.51
N ARG B 463 10.25 -1.11 -5.07
CA ARG B 463 9.22 -2.06 -4.68
C ARG B 463 8.66 -2.78 -5.91
N LEU B 464 9.12 -2.36 -7.08
CA LEU B 464 8.81 -3.03 -8.33
C LEU B 464 9.90 -4.06 -8.64
N ALA B 465 9.59 -5.33 -8.46
CA ALA B 465 10.57 -6.39 -8.65
C ALA B 465 11.12 -6.87 -9.99
N PHE B 466 10.24 -7.32 -10.87
CA PHE B 466 10.65 -7.88 -12.15
C PHE B 466 9.68 -7.23 -13.12
N HIS B 467 9.96 -7.39 -14.41
CA HIS B 467 9.01 -7.06 -15.46
C HIS B 467 9.28 -7.91 -16.69
N GLY B 468 8.38 -7.87 -17.65
CA GLY B 468 8.56 -8.67 -18.86
C GLY B 468 7.41 -8.57 -19.83
N ILE B 469 7.36 -9.52 -20.76
CA ILE B 469 6.36 -9.53 -21.82
C ILE B 469 5.61 -10.86 -21.88
N LEU B 470 4.29 -10.80 -21.74
CA LEU B 470 3.44 -12.00 -21.74
C LEU B 470 3.69 -12.59 -23.13
N LEU B 471 4.30 -13.77 -23.17
CA LEU B 471 4.67 -14.41 -24.41
C LEU B 471 3.66 -15.51 -24.71
N HIS B 472 2.96 -15.95 -23.66
CA HIS B 472 2.00 -17.04 -23.82
C HIS B 472 1.03 -17.25 -22.67
N GLY B 473 -0.21 -16.80 -22.85
CA GLY B 473 -1.24 -17.04 -21.86
C GLY B 473 -1.83 -18.42 -22.03
N LEU B 474 -2.27 -19.01 -20.91
CA LEU B 474 -2.90 -20.31 -20.93
C LEU B 474 -4.34 -20.10 -20.47
N GLU B 475 -5.29 -20.39 -21.37
CA GLU B 475 -6.68 -20.00 -21.20
C GLU B 475 -7.49 -20.95 -20.32
N ASP B 476 -7.18 -22.25 -20.41
CA ASP B 476 -7.86 -23.26 -19.64
C ASP B 476 -7.65 -23.07 -18.15
N ARG B 477 -8.59 -23.55 -17.35
CA ARG B 477 -8.40 -23.65 -15.91
C ARG B 477 -7.69 -24.96 -15.62
N ASN B 478 -8.08 -25.99 -16.34
CA ASN B 478 -7.50 -27.33 -16.20
C ASN B 478 -6.12 -27.44 -16.85
N TYR B 479 -5.51 -26.29 -17.13
CA TYR B 479 -4.31 -26.17 -17.96
C TYR B 479 -3.10 -26.99 -17.49
N ALA B 480 -2.82 -26.97 -16.18
CA ALA B 480 -1.63 -27.61 -15.64
C ALA B 480 -1.61 -29.09 -15.99
N ASP B 481 -2.82 -29.64 -16.11
CA ASP B 481 -3.01 -30.96 -16.68
C ASP B 481 -3.18 -30.84 -18.19
N SER B 482 -4.13 -30.00 -18.61
CA SER B 482 -4.55 -29.90 -20.00
C SER B 482 -3.44 -29.47 -20.97
N PHE B 483 -2.66 -28.45 -20.61
CA PHE B 483 -1.70 -27.91 -21.56
C PHE B 483 -0.22 -28.01 -21.14
N LEU B 484 0.06 -27.77 -19.86
CA LEU B 484 1.43 -27.59 -19.39
C LEU B 484 2.48 -28.62 -19.83
N PRO B 485 2.15 -29.94 -19.82
CA PRO B 485 3.19 -30.91 -20.20
C PRO B 485 3.76 -30.75 -21.61
N ARG B 486 3.41 -29.67 -22.31
CA ARG B 486 4.07 -29.31 -23.55
C ARG B 486 5.34 -28.52 -23.24
N LEU B 487 5.40 -27.99 -22.01
CA LEU B 487 6.55 -27.22 -21.55
C LEU B 487 7.63 -28.13 -20.99
N LYS B 488 8.60 -28.47 -21.83
CA LYS B 488 9.65 -29.41 -21.45
C LYS B 488 10.66 -28.77 -20.48
N VAL B 489 10.24 -28.56 -19.24
CA VAL B 489 11.11 -27.97 -18.23
C VAL B 489 11.34 -28.97 -17.09
N TYR B 490 12.58 -29.07 -16.64
CA TYR B 490 12.98 -30.08 -15.67
C TYR B 490 13.82 -29.54 -14.54
N LYS B 491 13.66 -30.13 -13.35
CA LYS B 491 14.61 -29.91 -12.28
C LYS B 491 15.69 -30.98 -12.42
N LEU B 492 16.95 -30.56 -12.30
CA LEU B 492 18.07 -31.49 -12.44
C LEU B 492 18.61 -31.85 -11.06
N LYS B 493 17.96 -32.81 -10.41
CA LYS B 493 18.35 -33.24 -9.06
C LYS B 493 19.61 -34.11 -9.11
N HIS B 494 20.34 -34.17 -8.01
CA HIS B 494 21.67 -34.76 -8.00
C HIS B 494 22.03 -35.32 -6.61
N LYS B 495 21.44 -36.46 -6.27
CA LYS B 495 21.61 -37.03 -4.92
C LYS B 495 22.84 -37.92 -4.72
N HIS B 496 23.52 -37.72 -3.59
CA HIS B 496 24.54 -38.63 -3.07
C HIS B 496 24.13 -39.66 -2.06
N GLY B 497 25.03 -40.59 -1.72
CA GLY B 497 24.82 -41.58 -0.67
C GLY B 497 26.14 -42.29 -0.34
N LEU B 498 26.04 -43.59 -0.06
CA LEU B 498 27.22 -44.36 0.34
C LEU B 498 27.06 -45.89 0.33
N VAL B 499 27.97 -46.58 -0.37
CA VAL B 499 27.95 -48.04 -0.41
C VAL B 499 28.17 -48.66 0.97
N GLU B 500 27.31 -49.60 1.34
CA GLU B 500 27.38 -50.24 2.64
C GLU B 500 28.30 -51.45 2.75
N ARG B 501 27.88 -52.57 2.17
CA ARG B 501 28.66 -53.79 2.22
C ARG B 501 29.24 -54.03 0.82
N ALA B 502 29.56 -55.29 0.54
CA ALA B 502 30.11 -55.67 -0.75
C ALA B 502 29.67 -57.11 -1.02
N MSE B 503 28.36 -57.35 -0.84
CA MSE B 503 27.75 -58.68 -0.78
C MSE B 503 28.21 -59.66 -1.86
O MSE B 503 28.03 -60.87 -1.71
CB MSE B 503 26.23 -58.53 -0.85
CG MSE B 503 25.62 -57.57 0.17
SE MSE B 503 25.84 -58.13 2.03
CE MSE B 503 24.73 -56.79 2.91
N ASP B 504 28.79 -59.16 -2.94
CA ASP B 504 29.36 -60.03 -3.97
C ASP B 504 30.44 -59.30 -4.76
N ASP B 505 30.99 -59.97 -5.76
CA ASP B 505 31.99 -59.37 -6.63
C ASP B 505 31.32 -58.22 -7.37
N TYR B 506 30.03 -58.38 -7.64
CA TYR B 506 29.26 -57.37 -8.35
C TYR B 506 28.08 -56.74 -7.61
N SER B 507 27.50 -57.51 -6.68
CA SER B 507 26.33 -57.05 -5.92
C SER B 507 26.72 -56.11 -4.79
N VAL B 508 27.30 -54.97 -5.14
CA VAL B 508 27.71 -53.99 -4.14
C VAL B 508 26.50 -53.27 -3.57
N ILE B 509 25.85 -53.85 -2.57
CA ILE B 509 24.71 -53.21 -1.95
C ILE B 509 25.14 -51.94 -1.29
N GLY B 510 24.38 -50.85 -1.44
CA GLY B 510 24.73 -49.60 -0.83
C GLY B 510 23.49 -48.82 -0.61
N ARG B 511 23.50 -47.86 0.30
CA ARG B 511 22.30 -47.07 0.59
C ARG B 511 22.61 -45.62 0.91
N SER B 512 21.76 -45.00 1.72
CA SER B 512 21.94 -43.61 2.11
C SER B 512 21.86 -42.72 0.87
N LEU B 513 20.91 -43.02 -0.01
CA LEU B 513 20.74 -42.26 -1.24
C LEU B 513 19.38 -41.58 -1.34
N PHE B 514 18.33 -42.26 -0.88
CA PHE B 514 17.00 -41.69 -0.96
C PHE B 514 16.45 -41.22 0.35
N GLU B 517 12.18 -42.63 2.28
CA GLU B 517 10.88 -43.28 2.43
C GLU B 517 10.15 -43.42 1.10
N THR B 518 10.91 -43.64 0.03
CA THR B 518 10.33 -43.75 -1.31
C THR B 518 10.38 -45.18 -1.84
N ASN B 519 9.99 -45.33 -3.10
CA ASN B 519 10.01 -46.64 -3.74
C ASN B 519 11.12 -46.72 -4.78
N ILE B 520 12.26 -47.28 -4.38
CA ILE B 520 13.38 -47.51 -5.28
C ILE B 520 12.96 -48.54 -6.34
N GLN B 521 11.69 -48.93 -6.26
CA GLN B 521 10.93 -49.57 -7.33
C GLN B 521 11.11 -48.89 -8.69
N LEU B 522 10.78 -47.60 -8.73
CA LEU B 522 10.81 -46.84 -9.97
C LEU B 522 12.23 -46.57 -10.45
N PHE B 523 13.17 -46.54 -9.51
CA PHE B 523 14.54 -46.15 -9.81
C PHE B 523 15.38 -47.31 -10.33
N VAL B 524 14.91 -48.53 -10.06
CA VAL B 524 15.58 -49.72 -10.58
C VAL B 524 15.83 -49.36 -12.04
N GLY B 525 16.89 -49.91 -12.60
CA GLY B 525 17.25 -49.64 -13.99
C GLY B 525 18.06 -48.41 -14.34
N LEU B 526 18.24 -47.51 -13.37
CA LEU B 526 18.96 -46.26 -13.62
C LEU B 526 20.48 -46.46 -13.48
N LYS B 527 21.21 -45.35 -13.54
CA LYS B 527 22.66 -45.38 -13.50
C LYS B 527 23.30 -44.60 -12.36
N VAL B 528 23.70 -45.30 -11.30
CA VAL B 528 24.40 -44.66 -10.20
C VAL B 528 25.91 -44.75 -10.44
N HIS B 529 26.66 -43.82 -9.88
CA HIS B 529 28.12 -43.83 -10.01
C HIS B 529 28.80 -43.88 -8.65
N LEU B 530 29.66 -44.88 -8.48
CA LEU B 530 30.30 -45.14 -7.20
C LEU B 530 31.56 -44.29 -7.09
N SER B 531 31.85 -43.80 -5.87
CA SER B 531 33.02 -42.98 -5.64
C SER B 531 34.22 -43.48 -6.42
N THR B 532 34.47 -44.79 -6.34
CA THR B 532 35.59 -45.40 -7.05
C THR B 532 35.40 -45.32 -8.55
N GLY B 533 34.58 -44.36 -8.99
CA GLY B 533 34.31 -44.18 -10.41
C GLY B 533 34.03 -45.49 -11.12
N GLU B 534 33.00 -46.20 -10.66
CA GLU B 534 32.62 -47.46 -11.25
C GLU B 534 31.14 -47.47 -11.62
N LEU B 535 30.83 -47.10 -12.86
CA LEU B 535 29.45 -47.08 -13.33
C LEU B 535 28.69 -48.32 -12.89
N GLY B 536 27.42 -48.15 -12.54
CA GLY B 536 26.62 -49.24 -12.03
C GLY B 536 25.13 -49.03 -12.10
N ILE B 537 24.42 -50.04 -12.59
CA ILE B 537 22.97 -50.03 -12.66
C ILE B 537 22.34 -50.34 -11.31
N ILE B 538 21.45 -49.47 -10.84
CA ILE B 538 20.72 -49.72 -9.58
C ILE B 538 19.79 -50.91 -9.78
N ASP B 539 19.80 -51.84 -8.83
CA ASP B 539 18.97 -53.03 -8.92
C ASP B 539 17.89 -53.11 -7.84
N SER B 540 17.56 -54.33 -7.43
CA SER B 540 16.55 -54.58 -6.40
C SER B 540 16.66 -53.58 -5.25
N ALA B 541 15.55 -53.33 -4.57
CA ALA B 541 15.53 -52.39 -3.47
C ALA B 541 15.55 -53.16 -2.16
N PHE B 542 16.34 -54.23 -2.12
CA PHE B 542 16.37 -55.18 -1.01
C PHE B 542 16.88 -54.50 0.26
N GLY B 543 15.94 -54.02 1.08
CA GLY B 543 16.27 -53.40 2.35
C GLY B 543 15.06 -52.81 3.03
N LYS B 547 18.30 -50.17 2.00
CA LYS B 547 17.57 -50.90 0.97
C LYS B 547 18.00 -50.46 -0.42
N PHE B 548 19.17 -50.93 -0.86
CA PHE B 548 19.69 -50.58 -2.17
C PHE B 548 20.22 -51.80 -2.90
N LYS B 549 20.93 -51.57 -4.01
CA LYS B 549 21.49 -52.66 -4.80
C LYS B 549 22.14 -51.98 -5.99
N ILE B 550 23.25 -52.54 -6.46
CA ILE B 550 23.97 -51.98 -7.60
C ILE B 550 24.61 -53.16 -8.32
N HIS B 551 24.20 -53.37 -9.58
CA HIS B 551 24.73 -54.46 -10.39
C HIS B 551 25.87 -53.97 -11.28
N ILE B 552 26.99 -53.63 -10.66
CA ILE B 552 28.16 -53.09 -11.36
C ILE B 552 28.65 -53.99 -12.49
N PRO B 553 28.40 -53.57 -13.74
CA PRO B 553 28.63 -54.35 -14.95
C PRO B 553 30.10 -54.65 -15.24
N GLY B 554 31.00 -53.77 -14.79
CA GLY B 554 32.43 -53.95 -15.05
C GLY B 554 33.18 -54.50 -13.85
N GLY B 555 32.46 -55.04 -12.89
CA GLY B 555 33.05 -55.52 -11.66
C GLY B 555 33.43 -54.39 -10.74
N LEU B 556 33.45 -54.65 -9.44
CA LEU B 556 33.83 -53.63 -8.46
C LEU B 556 35.27 -53.17 -8.68
N SER B 557 35.67 -52.13 -7.97
CA SER B 557 37.01 -51.59 -8.11
C SER B 557 38.02 -52.38 -7.27
N PRO B 558 39.32 -52.25 -7.60
CA PRO B 558 40.35 -52.72 -6.69
C PRO B 558 40.30 -51.93 -5.38
N GLU B 559 40.22 -50.61 -5.52
CA GLU B 559 40.13 -49.72 -4.37
C GLU B 559 38.87 -49.98 -3.56
N SER B 560 37.82 -50.45 -4.24
CA SER B 560 36.53 -50.66 -3.59
C SER B 560 36.45 -51.99 -2.83
N LYS B 561 37.13 -53.02 -3.34
CA LYS B 561 37.20 -54.28 -2.62
C LYS B 561 38.05 -54.06 -1.36
N LYS B 562 39.08 -53.24 -1.50
CA LYS B 562 39.92 -52.86 -0.37
C LYS B 562 39.15 -51.99 0.61
N ILE B 563 38.38 -51.05 0.08
CA ILE B 563 37.57 -50.17 0.92
C ILE B 563 36.34 -50.90 1.45
N LEU B 564 35.76 -51.75 0.61
CA LEU B 564 34.61 -52.56 1.02
C LEU B 564 34.87 -54.04 0.76
N SER B 592 35.34 -45.83 3.53
CA SER B 592 34.05 -45.85 2.88
C SER B 592 34.10 -45.24 1.48
N GLN B 593 33.02 -45.40 0.73
CA GLN B 593 32.90 -44.73 -0.55
C GLN B 593 31.44 -44.30 -0.79
N HIS B 594 31.24 -43.28 -1.62
CA HIS B 594 29.91 -42.70 -1.84
C HIS B 594 29.30 -43.17 -3.17
N VAL B 595 27.99 -43.04 -3.33
CA VAL B 595 27.42 -43.19 -4.65
C VAL B 595 27.01 -41.82 -5.13
N VAL B 596 26.62 -41.71 -6.40
CA VAL B 596 26.18 -40.45 -6.98
C VAL B 596 25.15 -40.67 -8.07
N LEU B 597 23.88 -40.50 -7.72
CA LEU B 597 22.79 -40.63 -8.68
C LEU B 597 22.45 -39.28 -9.31
N SER B 598 22.47 -39.22 -10.64
CA SER B 598 22.25 -37.97 -11.36
C SER B 598 21.12 -38.09 -12.39
N LEU B 599 19.95 -37.56 -12.04
CA LEU B 599 18.77 -37.68 -12.88
C LEU B 599 18.23 -36.31 -13.31
N THR B 600 17.42 -36.30 -14.36
CA THR B 600 16.57 -35.16 -14.66
C THR B 600 15.14 -35.49 -14.25
N PHE B 601 14.43 -34.49 -13.76
CA PHE B 601 13.14 -34.71 -13.12
C PHE B 601 12.10 -33.72 -13.66
N LYS B 602 11.63 -34.00 -14.87
CA LYS B 602 10.80 -33.06 -15.63
C LYS B 602 9.48 -32.72 -14.92
N ARG B 603 9.29 -31.43 -14.66
CA ARG B 603 8.26 -30.94 -13.74
C ARG B 603 6.82 -31.29 -14.09
N TYR B 604 6.42 -31.16 -15.34
CA TYR B 604 5.03 -31.48 -15.63
C TYR B 604 4.94 -32.72 -16.45
N VAL B 605 5.44 -32.53 -17.68
CA VAL B 605 5.52 -33.57 -18.72
C VAL B 605 5.88 -34.90 -18.09
N PHE B 606 5.26 -35.96 -18.61
CA PHE B 606 5.44 -37.30 -18.11
C PHE B 606 4.41 -37.54 -16.98
N ASP B 607 3.26 -36.88 -17.05
CA ASP B 607 2.25 -37.05 -16.02
C ASP B 607 2.12 -38.55 -15.82
N THR B 608 1.99 -39.25 -16.95
CA THR B 608 1.91 -40.73 -17.04
C THR B 608 3.26 -41.40 -16.73
N HIS B 609 4.26 -40.95 -17.46
CA HIS B 609 5.62 -41.25 -17.12
C HIS B 609 6.11 -40.43 -15.89
N LYS B 610 5.37 -40.47 -14.78
CA LYS B 610 5.79 -39.79 -13.56
C LYS B 610 6.99 -40.49 -12.83
N ARG B 611 7.94 -40.99 -13.63
CA ARG B 611 9.19 -41.55 -13.15
C ARG B 611 10.36 -40.72 -13.69
N MSE B 612 11.59 -41.07 -13.30
CA MSE B 612 12.75 -40.24 -13.61
C MSE B 612 13.31 -40.52 -15.01
O MSE B 612 12.89 -41.47 -15.65
CB MSE B 612 13.82 -40.46 -12.55
CG MSE B 612 13.31 -40.17 -11.13
SE MSE B 612 12.19 -38.55 -11.06
CE MSE B 612 11.53 -38.59 -9.21
N VAL B 613 14.25 -39.71 -15.49
CA VAL B 613 14.61 -39.84 -16.88
C VAL B 613 16.02 -39.40 -17.24
N GLN B 614 17.03 -40.11 -16.77
CA GLN B 614 18.45 -39.68 -16.95
C GLN B 614 18.99 -40.06 -18.31
N SER B 615 19.99 -39.31 -18.77
CA SER B 615 20.69 -39.67 -20.01
C SER B 615 22.20 -39.73 -19.81
MN MN C . -19.51 8.97 0.74
PG GNP D . -17.92 6.92 -0.74
O1G GNP D . -18.66 7.40 -2.10
O2G GNP D . -16.58 6.16 -1.24
O3G GNP D . -17.61 8.07 0.15
N3B GNP D . -18.86 5.80 -0.06
PB GNP D . -20.43 6.24 -0.22
O1B GNP D . -20.46 7.84 0.04
O2B GNP D . -21.32 5.52 0.73
O3A GNP D . -20.83 6.02 -1.76
PA GNP D . -22.37 6.12 -2.23
O1A GNP D . -22.45 7.00 -3.41
O2A GNP D . -23.21 6.43 -1.04
O5' GNP D . -22.69 4.62 -2.69
C5' GNP D . -22.36 4.20 -4.02
C4' GNP D . -23.60 3.57 -4.66
O4' GNP D . -24.40 2.94 -3.65
C3' GNP D . -24.50 4.66 -5.22
O3' GNP D . -24.29 4.78 -6.64
C2' GNP D . -25.90 4.16 -4.95
O2' GNP D . -26.58 3.96 -6.20
C1' GNP D . -25.69 2.82 -4.27
N9 GNP D . -26.71 2.58 -3.22
C8 GNP D . -26.91 3.34 -2.14
N7 GNP D . -27.91 2.81 -1.45
C5 GNP D . -28.34 1.73 -2.10
C6 GNP D . -29.31 0.87 -1.81
O6 GNP D . -29.99 1.00 -0.81
N1 GNP D . -29.56 -0.20 -2.68
C2 GNP D . -28.76 -0.32 -3.83
N2 GNP D . -28.96 -1.33 -4.67
N3 GNP D . -27.80 0.58 -4.06
C4 GNP D . -27.59 1.60 -3.20
MN MN E . -1.99 15.56 -7.48
PG GNP F . -0.20 14.17 -5.11
O1G GNP F . -1.25 15.21 -4.42
O2G GNP F . 0.15 13.10 -3.94
O3G GNP F . -0.78 13.52 -6.31
N3B GNP F . 1.15 15.01 -5.41
PB GNP F . 0.77 16.50 -5.98
O1B GNP F . -0.47 16.25 -6.99
O2B GNP F . 1.92 17.15 -6.65
O3A GNP F . 0.18 17.33 -4.73
PA GNP F . -0.14 18.90 -4.89
O1A GNP F . -0.13 19.25 -6.33
O2A GNP F . -1.33 19.23 -4.07
O5' GNP F . 1.15 19.57 -4.20
C5' GNP F . 1.21 19.72 -2.79
C4' GNP F . 1.68 21.13 -2.42
O4' GNP F . 2.79 21.49 -3.26
C3' GNP F . 0.60 22.13 -2.79
O3' GNP F . -0.14 22.48 -1.61
C2' GNP F . 1.37 23.34 -3.30
O2' GNP F . 1.12 24.45 -2.43
C1' GNP F . 2.82 22.92 -3.19
N9 GNP F . 3.61 23.46 -4.32
C8 GNP F . 3.36 23.26 -5.61
N7 GNP F . 4.29 23.91 -6.31
C5 GNP F . 5.12 24.49 -5.45
C6 GNP F . 6.19 25.24 -5.66
O6 GNP F . 6.59 25.49 -6.80
N1 GNP F . 6.90 25.75 -4.57
C2 GNP F . 6.45 25.45 -3.28
N2 GNP F . 7.09 25.91 -2.22
N3 GNP F . 5.36 24.68 -3.14
C4 GNP F . 4.69 24.21 -4.22
#